data_7D6B
#
_entry.id   7D6B
#
_cell.length_a   52.109
_cell.length_b   83.831
_cell.length_c   207.448
_cell.angle_alpha   90.000
_cell.angle_beta   90.000
_cell.angle_gamma   90.000
#
_symmetry.space_group_name_H-M   'P 21 21 21'
#
loop_
_entity.id
_entity.type
_entity.pdbx_description
1 polymer 'Beta-glucosidase 18'
2 non-polymer D-glucono-1,5-lactone
3 non-polymer GLYCEROL
4 non-polymer 'ZINC ION'
5 water water
#
_entity_poly.entity_id   1
_entity_poly.type   'polypeptide(L)'
_entity_poly.pdbx_seq_one_letter_code
;AMAIHRSDFPASFLFGTATSSYQIEGAYLEGNKSLSNWDVFTHLPGNIKDGSNGDIADDHYHRYEEDVELMNSLGVNAYR
FSISWSRILPKGRFGGVNPAGIDFYNKLIDSILLKGIQPFVTLTHYDIPQELEDRYGAWLNAEIQSDFGHFADVCFGAFG
DRVKYWTTFNEPNVAVRHGYMLGTYPPSRCSPPFGHCARGGDSHAEPYVAAHNVILSHATAIEIYKRKYQSKQRGMIGMV
LYSTWYEPLRDVPEDRLATERALAFETPWFLDPLVYGDYPPEMRQILGGRLPSFSPEDRRKLRYKLDFIGVNHYTTLYAR
DCMFSDCPQGQETQHALAAVTGESNGLPIGTPTAMPTFYVVPDGIEKMVKYFMRRYNNLPMFITENGYAQGGDSYTDAED
WIDDEDRIEYLEGYLTKLAKVIRDGADVRGYFAWSVVDNFEWLFGYTLRFGLYYIDYRTQERSPKLSALWYKEFLQNLHE
NQ
;
_entity_poly.pdbx_strand_id   A,B
#
# COMPACT_ATOMS: atom_id res chain seq x y z
N ALA A 3 -17.09 33.61 10.22
CA ALA A 3 -17.55 34.70 9.28
C ALA A 3 -18.28 34.14 8.06
N ILE A 4 -17.70 33.12 7.43
CA ILE A 4 -18.24 32.52 6.22
C ILE A 4 -18.77 31.13 6.54
N HIS A 5 -19.88 30.75 5.90
CA HIS A 5 -20.55 29.47 6.13
C HIS A 5 -20.92 28.75 4.82
N ARG A 6 -21.16 27.44 4.92
CA ARG A 6 -21.57 26.59 3.78
CA ARG A 6 -21.52 26.65 3.74
C ARG A 6 -22.80 27.16 3.06
N SER A 7 -23.76 27.60 3.88
CA SER A 7 -25.01 28.17 3.37
C SER A 7 -24.84 29.47 2.57
N ASP A 8 -23.68 30.12 2.70
CA ASP A 8 -23.35 31.26 1.84
C ASP A 8 -22.97 30.86 0.40
N PHE A 9 -22.90 29.57 0.12
CA PHE A 9 -22.67 29.08 -1.25
C PHE A 9 -23.89 28.33 -1.73
N PRO A 10 -24.02 28.10 -3.06
CA PRO A 10 -25.14 27.30 -3.57
C PRO A 10 -25.19 25.87 -3.02
N ALA A 11 -26.40 25.33 -2.97
CA ALA A 11 -26.65 24.00 -2.41
C ALA A 11 -25.87 22.88 -3.08
N SER A 12 -25.75 22.94 -4.41
CA SER A 12 -25.04 21.92 -5.20
C SER A 12 -23.53 22.21 -5.45
N PHE A 13 -22.95 23.13 -4.69
CA PHE A 13 -21.54 23.51 -4.83
C PHE A 13 -20.63 22.34 -4.46
N LEU A 14 -19.58 22.09 -5.24
CA LEU A 14 -18.60 21.07 -4.87
C LEU A 14 -17.63 21.67 -3.87
N PHE A 15 -17.43 20.97 -2.74
CA PHE A 15 -16.40 21.30 -1.77
C PHE A 15 -15.51 20.08 -1.60
N GLY A 16 -14.21 20.25 -1.88
CA GLY A 16 -13.27 19.15 -1.81
C GLY A 16 -11.88 19.57 -1.45
N THR A 17 -10.94 18.66 -1.72
CA THR A 17 -9.51 18.91 -1.64
C THR A 17 -8.88 18.46 -2.95
N ALA A 18 -7.65 18.89 -3.17
CA ALA A 18 -6.90 18.62 -4.40
C ALA A 18 -5.52 18.04 -4.13
N THR A 19 -5.13 17.09 -4.98
CA THR A 19 -3.80 16.47 -5.01
C THR A 19 -3.34 16.25 -6.46
N SER A 20 -2.11 15.79 -6.65
CA SER A 20 -1.66 15.25 -7.94
C SER A 20 -0.87 13.97 -7.69
N SER A 21 -0.75 13.16 -8.74
CA SER A 21 -0.21 11.82 -8.64
C SER A 21 1.25 11.80 -8.21
N TYR A 22 2.10 12.58 -8.88
CA TYR A 22 3.52 12.60 -8.53
C TYR A 22 3.72 13.10 -7.10
N GLN A 23 2.90 14.03 -6.66
CA GLN A 23 3.10 14.67 -5.36
C GLN A 23 2.75 13.81 -4.15
N ILE A 24 1.92 12.79 -4.31
CA ILE A 24 1.42 11.99 -3.18
C ILE A 24 1.60 10.47 -3.27
N GLU A 25 1.71 9.91 -4.47
CA GLU A 25 1.52 8.46 -4.62
C GLU A 25 2.66 7.56 -4.12
N GLY A 26 3.89 7.97 -4.40
CA GLY A 26 5.03 7.07 -4.28
C GLY A 26 4.89 5.86 -5.18
N ALA A 27 5.40 4.71 -4.70
CA ALA A 27 5.32 3.44 -5.42
C ALA A 27 5.71 3.65 -6.88
N TYR A 28 6.81 4.38 -7.07
CA TYR A 28 7.12 4.97 -8.37
C TYR A 28 7.54 3.96 -9.42
N LEU A 29 7.95 2.76 -9.00
CA LEU A 29 8.24 1.67 -9.92
C LEU A 29 7.39 0.42 -9.70
N GLU A 30 6.30 0.54 -8.95
CA GLU A 30 5.40 -0.60 -8.71
C GLU A 30 4.33 -0.70 -9.79
N GLY A 31 3.74 -1.89 -9.88
CA GLY A 31 2.62 -2.15 -10.77
C GLY A 31 2.89 -1.91 -12.25
N ASN A 32 4.10 -2.22 -12.68
CA ASN A 32 4.58 -2.01 -14.07
C ASN A 32 4.61 -0.56 -14.53
N LYS A 33 4.62 0.40 -13.60
CA LYS A 33 4.67 1.82 -13.94
C LYS A 33 6.07 2.11 -14.51
N SER A 34 6.12 2.93 -15.55
CA SER A 34 7.40 3.37 -16.13
C SER A 34 7.89 4.64 -15.43
N LEU A 35 9.13 5.01 -15.68
CA LEU A 35 9.69 6.24 -15.14
C LEU A 35 9.04 7.43 -15.83
N SER A 36 8.61 8.41 -15.04
CA SER A 36 8.12 9.66 -15.57
C SER A 36 9.26 10.66 -15.69
N ASN A 37 8.94 11.77 -16.36
CA ASN A 37 9.84 12.93 -16.39
C ASN A 37 10.30 13.37 -15.00
N TRP A 38 9.37 13.41 -14.04
CA TRP A 38 9.72 13.83 -12.69
C TRP A 38 10.49 12.79 -11.88
N ASP A 39 10.24 11.50 -12.13
CA ASP A 39 11.10 10.43 -11.58
C ASP A 39 12.56 10.64 -11.99
N VAL A 40 12.76 10.88 -13.27
CA VAL A 40 14.12 11.07 -13.82
C VAL A 40 14.73 12.37 -13.30
N PHE A 41 13.95 13.44 -13.36
CA PHE A 41 14.37 14.77 -12.95
C PHE A 41 14.83 14.84 -11.49
N THR A 42 14.05 14.24 -10.59
CA THR A 42 14.33 14.32 -9.16
C THR A 42 15.52 13.46 -8.74
N HIS A 43 15.94 12.53 -9.60
CA HIS A 43 17.15 11.71 -9.34
C HIS A 43 18.43 12.34 -9.91
N LEU A 44 18.32 13.54 -10.48
CA LEU A 44 19.46 14.35 -10.85
C LEU A 44 19.72 15.40 -9.74
N PRO A 45 21.00 15.80 -9.54
CA PRO A 45 21.31 16.80 -8.50
C PRO A 45 20.96 18.22 -8.91
N GLY A 46 20.84 19.09 -7.92
CA GLY A 46 20.74 20.52 -8.14
C GLY A 46 19.38 21.06 -8.55
N ASN A 47 18.31 20.27 -8.38
CA ASN A 47 16.95 20.69 -8.75
C ASN A 47 16.10 20.98 -7.52
N ILE A 48 15.94 19.98 -6.66
CA ILE A 48 15.01 20.06 -5.55
C ILE A 48 15.74 20.66 -4.35
N LYS A 49 15.11 21.62 -3.70
CA LYS A 49 15.74 22.41 -2.63
C LYS A 49 16.33 21.56 -1.48
N ASP A 50 15.63 20.50 -1.10
CA ASP A 50 16.09 19.61 -0.03
C ASP A 50 16.67 18.29 -0.55
N GLY A 51 16.94 18.22 -1.84
CA GLY A 51 17.42 17.02 -2.50
C GLY A 51 16.51 15.80 -2.41
N SER A 52 15.21 16.02 -2.22
CA SER A 52 14.24 14.94 -2.05
C SER A 52 13.65 14.56 -3.40
N ASN A 53 12.79 13.55 -3.40
CA ASN A 53 12.10 13.11 -4.59
C ASN A 53 10.70 12.59 -4.24
N GLY A 54 9.96 12.18 -5.28
CA GLY A 54 8.65 11.58 -5.10
C GLY A 54 8.61 10.06 -5.11
N ASP A 55 9.73 9.39 -4.84
CA ASP A 55 9.78 7.90 -4.85
C ASP A 55 8.74 7.29 -3.90
N ILE A 56 8.61 7.89 -2.73
CA ILE A 56 7.70 7.44 -1.67
C ILE A 56 6.59 8.47 -1.44
N ALA A 57 6.98 9.73 -1.25
CA ALA A 57 6.03 10.83 -1.02
C ALA A 57 5.08 10.52 0.16
N ASP A 58 3.76 10.56 -0.03
CA ASP A 58 2.80 10.21 1.02
C ASP A 58 2.41 8.74 1.01
N ASP A 59 3.03 7.96 0.13
CA ASP A 59 2.72 6.54 -0.03
C ASP A 59 1.21 6.28 -0.21
N HIS A 60 0.59 7.19 -0.95
CA HIS A 60 -0.85 7.19 -1.16
C HIS A 60 -1.28 5.97 -2.00
N TYR A 61 -0.36 5.45 -2.81
CA TYR A 61 -0.58 4.22 -3.56
C TYR A 61 -1.02 3.06 -2.66
N HIS A 62 -0.40 2.94 -1.48
CA HIS A 62 -0.81 1.94 -0.48
C HIS A 62 -1.79 2.46 0.56
N ARG A 63 -1.78 3.77 0.81
CA ARG A 63 -2.55 4.35 1.93
C ARG A 63 -3.79 5.13 1.52
N TYR A 64 -4.19 4.99 0.24
CA TYR A 64 -5.32 5.75 -0.33
C TYR A 64 -6.60 5.62 0.50
N GLU A 65 -6.87 4.43 1.05
CA GLU A 65 -8.12 4.21 1.78
C GLU A 65 -8.20 5.03 3.07
N GLU A 66 -7.08 5.11 3.80
CA GLU A 66 -6.99 5.99 4.96
C GLU A 66 -7.23 7.45 4.55
N ASP A 67 -6.63 7.87 3.44
CA ASP A 67 -6.77 9.26 2.95
C ASP A 67 -8.21 9.57 2.53
N VAL A 68 -8.87 8.61 1.92
CA VAL A 68 -10.30 8.75 1.58
C VAL A 68 -11.16 8.87 2.85
N GLU A 69 -10.85 8.07 3.86
CA GLU A 69 -11.53 8.17 5.16
C GLU A 69 -11.33 9.52 5.83
N LEU A 70 -10.14 10.09 5.73
CA LEU A 70 -9.87 11.42 6.28
C LEU A 70 -10.69 12.51 5.57
N MET A 71 -10.67 12.49 4.25
CA MET A 71 -11.56 13.35 3.43
C MET A 71 -13.01 13.27 3.86
N ASN A 72 -13.46 12.04 4.03
CA ASN A 72 -14.82 11.76 4.39
C ASN A 72 -15.17 12.36 5.74
N SER A 73 -14.25 12.25 6.70
CA SER A 73 -14.46 12.82 8.03
C SER A 73 -14.54 14.37 8.01
N LEU A 74 -13.97 15.01 6.99
CA LEU A 74 -14.15 16.46 6.81
C LEU A 74 -15.51 16.80 6.21
N GLY A 75 -16.16 15.85 5.57
CA GLY A 75 -17.49 16.06 4.97
C GLY A 75 -17.42 16.65 3.57
N VAL A 76 -16.32 16.41 2.85
CA VAL A 76 -16.20 16.83 1.45
C VAL A 76 -17.20 16.08 0.57
N ASN A 77 -17.63 16.68 -0.52
CA ASN A 77 -18.45 15.97 -1.52
C ASN A 77 -17.71 15.75 -2.86
N ALA A 78 -16.41 16.10 -2.91
CA ALA A 78 -15.61 15.86 -4.10
C ALA A 78 -14.14 15.74 -3.78
N TYR A 79 -13.40 15.15 -4.71
CA TYR A 79 -11.97 14.96 -4.55
C TYR A 79 -11.28 15.10 -5.89
N ARG A 80 -10.40 16.09 -5.97
CA ARG A 80 -9.65 16.39 -7.18
C ARG A 80 -8.30 15.68 -7.11
N PHE A 81 -8.03 14.82 -8.09
CA PHE A 81 -6.77 14.09 -8.15
C PHE A 81 -6.33 13.92 -9.61
N SER A 82 -5.08 13.48 -9.82
CA SER A 82 -4.60 13.23 -11.18
C SER A 82 -4.22 11.77 -11.39
N ILE A 83 -4.22 11.36 -12.66
CA ILE A 83 -3.86 10.02 -13.08
C ILE A 83 -2.43 10.04 -13.62
N SER A 84 -1.60 9.15 -13.10
CA SER A 84 -0.23 8.99 -13.55
C SER A 84 -0.22 8.31 -14.93
N TRP A 85 0.11 9.09 -15.96
CA TRP A 85 0.17 8.60 -17.35
C TRP A 85 1.04 7.33 -17.44
N SER A 86 2.16 7.36 -16.74
CA SER A 86 3.09 6.26 -16.67
C SER A 86 2.55 4.96 -16.06
N ARG A 87 1.46 5.03 -15.30
CA ARG A 87 0.76 3.85 -14.80
C ARG A 87 -0.23 3.28 -15.79
N ILE A 88 -0.82 4.12 -16.63
CA ILE A 88 -1.86 3.70 -17.56
C ILE A 88 -1.25 3.20 -18.85
N LEU A 89 -0.39 4.02 -19.45
CA LEU A 89 0.29 3.69 -20.69
C LEU A 89 1.78 3.89 -20.48
N PRO A 90 2.45 2.91 -19.84
CA PRO A 90 3.87 3.05 -19.46
C PRO A 90 4.79 3.39 -20.62
N LYS A 91 4.49 2.90 -21.81
CA LYS A 91 5.32 3.14 -23.00
C LYS A 91 4.61 3.96 -24.08
N GLY A 92 3.56 4.68 -23.69
CA GLY A 92 2.74 5.42 -24.63
C GLY A 92 1.85 4.51 -25.46
N ARG A 93 1.32 5.08 -26.53
CA ARG A 93 0.12 4.55 -27.19
C ARG A 93 0.27 3.23 -27.94
N PHE A 94 1.50 2.88 -28.33
CA PHE A 94 1.76 1.59 -28.98
C PHE A 94 2.20 0.48 -27.98
N GLY A 95 2.37 0.82 -26.69
CA GLY A 95 2.90 -0.10 -25.68
C GLY A 95 1.91 -0.92 -24.85
N GLY A 96 0.62 -0.69 -25.04
CA GLY A 96 -0.41 -1.45 -24.33
C GLY A 96 -0.84 -0.80 -23.02
N VAL A 97 -2.13 -0.95 -22.70
CA VAL A 97 -2.71 -0.44 -21.46
C VAL A 97 -2.22 -1.32 -20.29
N ASN A 98 -1.87 -0.69 -19.18
CA ASN A 98 -1.32 -1.41 -18.04
C ASN A 98 -2.47 -1.73 -17.06
N PRO A 99 -2.91 -3.02 -16.99
CA PRO A 99 -4.08 -3.33 -16.14
C PRO A 99 -3.90 -2.96 -14.65
N ALA A 100 -2.67 -3.01 -14.13
CA ALA A 100 -2.43 -2.64 -12.73
C ALA A 100 -2.70 -1.15 -12.45
N GLY A 101 -2.36 -0.28 -13.41
CA GLY A 101 -2.71 1.14 -13.32
C GLY A 101 -4.21 1.34 -13.33
N ILE A 102 -4.89 0.65 -14.26
CA ILE A 102 -6.35 0.71 -14.37
C ILE A 102 -7.00 0.27 -13.05
N ASP A 103 -6.49 -0.84 -12.49
CA ASP A 103 -6.99 -1.37 -11.23
C ASP A 103 -6.85 -0.38 -10.08
N PHE A 104 -5.68 0.25 -9.98
CA PHE A 104 -5.44 1.21 -8.89
C PHE A 104 -6.43 2.36 -8.94
N TYR A 105 -6.59 3.00 -10.11
CA TYR A 105 -7.52 4.14 -10.20
C TYR A 105 -9.00 3.72 -10.06
N ASN A 106 -9.37 2.54 -10.55
CA ASN A 106 -10.76 2.02 -10.37
C ASN A 106 -11.11 1.87 -8.91
N LYS A 107 -10.18 1.27 -8.17
CA LYS A 107 -10.32 1.08 -6.75
C LYS A 107 -10.42 2.43 -6.00
N LEU A 108 -9.59 3.38 -6.40
CA LEU A 108 -9.62 4.72 -5.80
C LEU A 108 -10.96 5.41 -6.08
N ILE A 109 -11.39 5.39 -7.34
CA ILE A 109 -12.69 5.97 -7.72
C ILE A 109 -13.86 5.30 -6.98
N ASP A 110 -13.84 3.97 -6.90
CA ASP A 110 -14.89 3.24 -6.19
C ASP A 110 -14.90 3.58 -4.69
N SER A 111 -13.72 3.73 -4.08
CA SER A 111 -13.62 4.09 -2.68
C SER A 111 -14.24 5.44 -2.36
N ILE A 112 -13.96 6.44 -3.19
CA ILE A 112 -14.49 7.78 -2.93
C ILE A 112 -15.99 7.83 -3.23
N LEU A 113 -16.43 7.15 -4.29
CA LEU A 113 -17.87 7.08 -4.60
C LEU A 113 -18.70 6.35 -3.55
N LEU A 114 -18.11 5.32 -2.92
CA LEU A 114 -18.77 4.67 -1.79
C LEU A 114 -19.12 5.66 -0.67
N LYS A 115 -18.28 6.67 -0.46
CA LYS A 115 -18.52 7.70 0.56
C LYS A 115 -19.31 8.93 0.06
N GLY A 116 -19.86 8.87 -1.16
CA GLY A 116 -20.55 10.03 -1.75
C GLY A 116 -19.63 11.15 -2.22
N ILE A 117 -18.35 10.84 -2.48
CA ILE A 117 -17.36 11.85 -2.87
C ILE A 117 -17.14 11.73 -4.38
N GLN A 118 -17.43 12.82 -5.11
CA GLN A 118 -17.38 12.84 -6.57
C GLN A 118 -15.94 12.99 -7.07
N PRO A 119 -15.53 12.14 -8.03
CA PRO A 119 -14.21 12.34 -8.63
C PRO A 119 -14.17 13.59 -9.49
N PHE A 120 -13.03 14.30 -9.42
CA PHE A 120 -12.78 15.47 -10.26
C PHE A 120 -11.34 15.29 -10.74
N VAL A 121 -11.20 14.71 -11.92
CA VAL A 121 -9.96 14.03 -12.31
C VAL A 121 -9.18 14.86 -13.31
N THR A 122 -7.90 15.03 -13.03
CA THR A 122 -6.97 15.67 -13.94
C THR A 122 -6.24 14.57 -14.72
N LEU A 123 -6.25 14.64 -16.05
CA LEU A 123 -5.52 13.64 -16.83
C LEU A 123 -4.01 13.78 -16.66
N THR A 124 -3.50 15.00 -16.85
CA THR A 124 -2.07 15.28 -16.72
C THR A 124 -1.79 16.47 -15.80
N HIS A 125 -0.88 16.26 -14.86
CA HIS A 125 -0.50 17.27 -13.88
C HIS A 125 1.03 17.28 -13.78
N TYR A 126 1.65 17.91 -14.77
CA TYR A 126 3.13 18.04 -14.95
C TYR A 126 3.88 16.80 -15.44
N ASP A 127 3.26 15.63 -15.33
CA ASP A 127 3.94 14.33 -15.54
C ASP A 127 3.70 13.77 -16.94
N ILE A 128 4.72 13.09 -17.47
CA ILE A 128 4.61 12.31 -18.67
C ILE A 128 5.55 11.12 -18.52
N PRO A 129 5.30 10.01 -19.24
CA PRO A 129 6.30 8.96 -19.31
C PRO A 129 7.57 9.52 -19.94
N GLN A 130 8.71 9.31 -19.30
CA GLN A 130 10.00 9.74 -19.83
C GLN A 130 10.22 9.29 -21.27
N GLU A 131 9.76 8.08 -21.58
CA GLU A 131 9.85 7.57 -22.93
C GLU A 131 9.35 8.55 -24.02
N LEU A 132 8.27 9.29 -23.76
CA LEU A 132 7.78 10.25 -24.75
C LEU A 132 8.76 11.41 -24.98
N GLU A 133 9.44 11.83 -23.91
CA GLU A 133 10.54 12.80 -24.03
C GLU A 133 11.67 12.19 -24.86
N ASP A 134 12.07 10.97 -24.52
CA ASP A 134 13.21 10.30 -25.18
C ASP A 134 12.95 10.01 -26.66
N ARG A 135 11.72 9.61 -27.00
CA ARG A 135 11.38 9.20 -28.36
C ARG A 135 11.32 10.38 -29.34
N TYR A 136 10.57 11.40 -28.98
CA TYR A 136 10.32 12.50 -29.92
C TYR A 136 10.32 13.91 -29.32
N GLY A 137 10.82 14.06 -28.09
CA GLY A 137 10.84 15.36 -27.41
C GLY A 137 9.50 15.85 -26.91
N ALA A 138 8.62 14.92 -26.54
CA ALA A 138 7.33 15.23 -25.91
C ALA A 138 6.57 16.42 -26.53
N TRP A 139 6.45 17.56 -25.81
CA TRP A 139 5.59 18.68 -26.23
C TRP A 139 6.15 19.50 -27.41
N LEU A 140 7.38 19.22 -27.81
CA LEU A 140 7.95 19.82 -28.99
C LEU A 140 7.59 19.11 -30.30
N ASN A 141 6.85 18.02 -30.24
CA ASN A 141 6.45 17.30 -31.45
C ASN A 141 4.95 17.10 -31.44
N ALA A 142 4.29 17.36 -32.57
CA ALA A 142 2.84 17.14 -32.72
C ALA A 142 2.34 15.71 -32.46
N GLU A 143 3.23 14.72 -32.52
CA GLU A 143 2.91 13.32 -32.16
C GLU A 143 2.34 13.19 -30.74
N ILE A 144 2.78 14.05 -29.82
CA ILE A 144 2.24 14.10 -28.47
C ILE A 144 0.71 14.23 -28.44
N GLN A 145 0.13 14.89 -29.44
CA GLN A 145 -1.33 15.06 -29.50
C GLN A 145 -2.05 13.71 -29.59
N SER A 146 -1.50 12.79 -30.37
CA SER A 146 -2.03 11.43 -30.52
C SER A 146 -1.80 10.59 -29.26
N ASP A 147 -0.61 10.68 -28.69
CA ASP A 147 -0.36 10.01 -27.40
C ASP A 147 -1.32 10.48 -26.31
N PHE A 148 -1.47 11.80 -26.17
CA PHE A 148 -2.37 12.35 -25.16
C PHE A 148 -3.80 11.95 -25.50
N GLY A 149 -4.17 12.06 -26.77
CA GLY A 149 -5.47 11.60 -27.24
C GLY A 149 -5.78 10.18 -26.81
N HIS A 150 -4.83 9.29 -27.03
CA HIS A 150 -5.01 7.89 -26.67
C HIS A 150 -5.11 7.67 -25.15
N PHE A 151 -4.23 8.32 -24.41
CA PHE A 151 -4.30 8.31 -22.93
C PHE A 151 -5.69 8.75 -22.43
N ALA A 152 -6.17 9.87 -22.96
CA ALA A 152 -7.51 10.38 -22.64
C ALA A 152 -8.61 9.36 -22.95
N ASP A 153 -8.54 8.80 -24.15
CA ASP A 153 -9.50 7.81 -24.62
C ASP A 153 -9.57 6.57 -23.71
N VAL A 154 -8.40 6.08 -23.30
CA VAL A 154 -8.31 4.94 -22.37
C VAL A 154 -8.98 5.30 -21.03
N CYS A 155 -8.63 6.46 -20.47
CA CYS A 155 -9.19 6.89 -19.18
C CYS A 155 -10.71 7.09 -19.23
N PHE A 156 -11.19 7.75 -20.27
CA PHE A 156 -12.64 7.94 -20.46
C PHE A 156 -13.35 6.59 -20.52
N GLY A 157 -12.81 5.68 -21.33
CA GLY A 157 -13.40 4.35 -21.48
C GLY A 157 -13.40 3.51 -20.22
N ALA A 158 -12.30 3.58 -19.46
CA ALA A 158 -12.16 2.79 -18.25
C ALA A 158 -12.87 3.38 -17.04
N PHE A 159 -12.86 4.72 -16.91
CA PHE A 159 -13.34 5.38 -15.68
C PHE A 159 -14.56 6.27 -15.84
N GLY A 160 -14.90 6.62 -17.08
CA GLY A 160 -15.86 7.66 -17.33
C GLY A 160 -17.31 7.35 -16.97
N ASP A 161 -17.62 6.06 -16.77
CA ASP A 161 -18.95 5.68 -16.21
C ASP A 161 -19.18 6.22 -14.79
N ARG A 162 -18.08 6.43 -14.06
CA ARG A 162 -18.09 6.95 -12.69
C ARG A 162 -17.48 8.36 -12.49
N VAL A 163 -16.76 8.88 -13.49
CA VAL A 163 -16.15 10.20 -13.41
C VAL A 163 -16.93 11.14 -14.31
N LYS A 164 -17.47 12.21 -13.72
CA LYS A 164 -18.27 13.22 -14.41
C LYS A 164 -17.58 14.57 -14.57
N TYR A 165 -16.41 14.74 -13.97
CA TYR A 165 -15.63 15.94 -14.19
C TYR A 165 -14.19 15.58 -14.53
N TRP A 166 -13.73 16.03 -15.69
CA TRP A 166 -12.38 15.80 -16.17
C TRP A 166 -11.67 17.13 -16.48
N THR A 167 -10.38 17.16 -16.17
CA THR A 167 -9.47 18.21 -16.58
C THR A 167 -8.41 17.60 -17.49
N THR A 168 -8.15 18.21 -18.63
CA THR A 168 -7.10 17.69 -19.51
C THR A 168 -5.72 17.93 -18.90
N PHE A 169 -5.40 19.20 -18.64
CA PHE A 169 -4.09 19.60 -18.09
C PHE A 169 -4.21 20.51 -16.87
N ASN A 170 -3.29 20.34 -15.94
CA ASN A 170 -3.11 21.26 -14.82
C ASN A 170 -1.98 22.25 -15.12
N GLU A 171 -2.33 23.52 -15.23
CA GLU A 171 -1.37 24.62 -15.33
C GLU A 171 -0.29 24.44 -16.39
N PRO A 172 -0.69 24.19 -17.63
CA PRO A 172 0.31 24.17 -18.70
C PRO A 172 1.04 25.51 -18.85
N ASN A 173 0.41 26.62 -18.44
CA ASN A 173 1.13 27.90 -18.42
C ASN A 173 2.40 27.87 -17.55
N VAL A 174 2.33 27.20 -16.40
CA VAL A 174 3.48 27.01 -15.51
C VAL A 174 4.46 25.96 -16.03
N ALA A 175 3.95 24.77 -16.34
CA ALA A 175 4.81 23.66 -16.78
C ALA A 175 5.61 23.98 -18.06
N VAL A 176 4.96 24.66 -19.01
CA VAL A 176 5.61 25.03 -20.29
C VAL A 176 6.71 26.07 -20.06
N ARG A 177 6.37 27.16 -19.37
CA ARG A 177 7.37 28.21 -19.12
C ARG A 177 8.54 27.72 -18.27
N HIS A 178 8.24 27.00 -17.19
CA HIS A 178 9.32 26.39 -16.38
C HIS A 178 10.14 25.37 -17.19
N GLY A 179 9.47 24.58 -18.01
CA GLY A 179 10.14 23.52 -18.77
C GLY A 179 10.98 23.97 -19.97
N TYR A 180 10.50 24.99 -20.67
CA TYR A 180 11.06 25.43 -21.95
C TYR A 180 11.53 26.89 -22.03
N MET A 181 11.18 27.73 -21.05
CA MET A 181 11.59 29.13 -21.05
C MET A 181 12.66 29.37 -19.99
N LEU A 182 12.34 29.07 -18.73
CA LEU A 182 13.33 29.15 -17.64
C LEU A 182 14.22 27.92 -17.54
N GLY A 183 13.73 26.76 -18.00
CA GLY A 183 14.47 25.52 -17.88
C GLY A 183 14.64 24.96 -16.48
N THR A 184 13.73 25.31 -15.57
CA THR A 184 13.79 24.86 -14.17
C THR A 184 12.95 23.62 -13.87
N TYR A 185 12.09 23.23 -14.82
CA TYR A 185 11.34 21.98 -14.77
C TYR A 185 11.85 21.15 -15.92
N PRO A 186 11.66 19.82 -15.85
CA PRO A 186 11.98 19.02 -17.05
C PRO A 186 11.11 19.46 -18.25
N PRO A 187 11.65 19.46 -19.46
CA PRO A 187 12.93 18.86 -19.84
C PRO A 187 14.16 19.77 -19.68
N SER A 188 14.07 20.82 -18.86
CA SER A 188 15.22 21.67 -18.53
C SER A 188 15.87 22.33 -19.73
N ARG A 189 15.05 22.98 -20.55
CA ARG A 189 15.51 23.62 -21.78
C ARG A 189 15.30 25.13 -21.66
N CYS A 190 16.27 25.88 -22.18
CA CYS A 190 16.25 27.34 -22.11
C CYS A 190 17.40 27.90 -22.96
N SER A 191 17.42 29.22 -23.12
CA SER A 191 18.53 29.91 -23.77
C SER A 191 18.67 31.29 -23.16
N PRO A 192 19.80 31.96 -23.44
CA PRO A 192 19.94 33.34 -22.94
C PRO A 192 18.81 34.27 -23.43
N PRO A 193 18.38 35.24 -22.63
CA PRO A 193 18.95 35.57 -21.33
C PRO A 193 18.30 34.85 -20.12
N PHE A 194 17.60 33.74 -20.34
CA PHE A 194 16.87 33.06 -19.26
C PHE A 194 17.78 32.12 -18.48
N GLY A 195 18.86 31.67 -19.10
CA GLY A 195 19.80 30.77 -18.47
C GLY A 195 20.64 30.10 -19.52
N HIS A 196 21.51 29.20 -19.06
CA HIS A 196 22.34 28.36 -19.93
C HIS A 196 22.01 26.92 -19.60
N CYS A 197 21.12 26.34 -20.39
CA CYS A 197 20.72 24.96 -20.19
C CYS A 197 21.62 24.06 -21.04
N ALA A 198 22.31 23.10 -20.42
CA ALA A 198 23.30 22.26 -21.12
C ALA A 198 22.67 21.35 -22.20
N ARG A 199 21.40 21.01 -22.02
CA ARG A 199 20.64 20.28 -23.04
C ARG A 199 20.32 21.12 -24.28
N GLY A 200 20.37 22.45 -24.18
CA GLY A 200 20.01 23.35 -25.26
C GLY A 200 18.63 23.95 -25.03
N GLY A 201 18.10 24.55 -26.08
CA GLY A 201 16.78 25.19 -26.03
C GLY A 201 16.75 26.51 -26.76
N ASP A 202 15.56 27.11 -26.75
CA ASP A 202 15.31 28.42 -27.31
C ASP A 202 14.08 28.96 -26.58
N SER A 203 14.34 29.76 -25.56
CA SER A 203 13.31 30.37 -24.72
C SER A 203 12.33 31.28 -25.46
N HIS A 204 12.73 31.79 -26.63
CA HIS A 204 11.86 32.65 -27.44
C HIS A 204 10.95 31.89 -28.41
N ALA A 205 11.16 30.58 -28.56
CA ALA A 205 10.41 29.76 -29.55
C ALA A 205 9.77 28.50 -28.96
N GLU A 206 10.58 27.71 -28.27
CA GLU A 206 10.12 26.40 -27.80
C GLU A 206 8.93 26.45 -26.85
N PRO A 207 8.88 27.43 -25.94
CA PRO A 207 7.67 27.48 -25.09
C PRO A 207 6.36 27.59 -25.88
N TYR A 208 6.40 28.34 -26.98
CA TYR A 208 5.20 28.57 -27.78
C TYR A 208 4.84 27.35 -28.61
N VAL A 209 5.85 26.58 -29.04
CA VAL A 209 5.61 25.29 -29.69
C VAL A 209 4.96 24.31 -28.70
N ALA A 210 5.54 24.25 -27.49
CA ALA A 210 5.06 23.31 -26.46
C ALA A 210 3.62 23.59 -26.09
N ALA A 211 3.32 24.86 -25.82
CA ALA A 211 1.96 25.28 -25.49
C ALA A 211 0.98 24.99 -26.62
N HIS A 212 1.44 25.19 -27.86
CA HIS A 212 0.64 24.88 -29.04
C HIS A 212 0.16 23.42 -29.02
N ASN A 213 1.11 22.53 -28.80
CA ASN A 213 0.80 21.09 -28.72
C ASN A 213 -0.02 20.72 -27.49
N VAL A 214 0.12 21.43 -26.38
CA VAL A 214 -0.75 21.20 -25.23
C VAL A 214 -2.20 21.57 -25.60
N ILE A 215 -2.38 22.75 -26.17
CA ILE A 215 -3.70 23.21 -26.61
C ILE A 215 -4.37 22.19 -27.53
N LEU A 216 -3.62 21.69 -28.50
CA LEU A 216 -4.15 20.76 -29.47
C LEU A 216 -4.31 19.35 -28.92
N SER A 217 -3.56 19.03 -27.87
CA SER A 217 -3.74 17.76 -27.15
C SER A 217 -5.07 17.83 -26.42
N HIS A 218 -5.34 18.95 -25.75
CA HIS A 218 -6.63 19.19 -25.14
C HIS A 218 -7.75 19.02 -26.17
N ALA A 219 -7.61 19.70 -27.30
CA ALA A 219 -8.63 19.70 -28.36
C ALA A 219 -8.91 18.30 -28.90
N THR A 220 -7.85 17.51 -29.05
CA THR A 220 -7.95 16.10 -29.47
C THR A 220 -8.75 15.29 -28.44
N ALA A 221 -8.41 15.49 -27.15
CA ALA A 221 -9.07 14.78 -26.06
C ALA A 221 -10.55 15.13 -25.93
N ILE A 222 -10.86 16.42 -26.03
CA ILE A 222 -12.26 16.82 -25.86
C ILE A 222 -13.12 16.44 -27.09
N GLU A 223 -12.54 16.47 -28.29
CA GLU A 223 -13.25 15.93 -29.46
C GLU A 223 -13.58 14.46 -29.24
N ILE A 224 -12.60 13.68 -28.80
CA ILE A 224 -12.82 12.26 -28.47
C ILE A 224 -13.95 12.14 -27.45
N TYR A 225 -13.88 12.91 -26.38
CA TYR A 225 -14.90 12.84 -25.34
C TYR A 225 -16.30 13.14 -25.89
N LYS A 226 -16.44 14.25 -26.60
CA LYS A 226 -17.75 14.67 -27.09
C LYS A 226 -18.32 13.78 -28.22
N ARG A 227 -17.45 13.29 -29.11
CA ARG A 227 -17.88 12.35 -30.15
C ARG A 227 -18.19 10.94 -29.61
N LYS A 228 -17.40 10.45 -28.65
CA LYS A 228 -17.46 9.05 -28.23
C LYS A 228 -18.19 8.83 -26.91
N TYR A 229 -17.98 9.68 -25.91
CA TYR A 229 -18.39 9.38 -24.55
C TYR A 229 -19.46 10.27 -23.92
N GLN A 230 -19.58 11.52 -24.36
CA GLN A 230 -20.41 12.49 -23.64
C GLN A 230 -21.90 12.11 -23.50
N SER A 231 -22.50 11.60 -24.56
CA SER A 231 -23.95 11.30 -24.51
C SER A 231 -24.27 10.18 -23.50
N LYS A 232 -23.41 9.16 -23.44
CA LYS A 232 -23.53 8.10 -22.44
C LYS A 232 -23.12 8.58 -21.03
N GLN A 233 -21.93 9.17 -20.91
CA GLN A 233 -21.33 9.47 -19.60
C GLN A 233 -21.79 10.79 -18.96
N ARG A 234 -22.16 11.77 -19.80
CA ARG A 234 -22.74 13.04 -19.35
C ARG A 234 -21.83 13.84 -18.42
N GLY A 235 -20.53 13.85 -18.69
CA GLY A 235 -19.57 14.61 -17.90
C GLY A 235 -19.21 15.95 -18.51
N MET A 236 -18.28 16.64 -17.87
CA MET A 236 -17.77 17.92 -18.33
C MET A 236 -16.26 17.83 -18.40
N ILE A 237 -15.68 18.44 -19.44
CA ILE A 237 -14.24 18.43 -19.69
C ILE A 237 -13.74 19.88 -19.69
N GLY A 238 -12.79 20.19 -18.81
CA GLY A 238 -12.19 21.52 -18.75
C GLY A 238 -10.68 21.50 -18.81
N MET A 239 -10.08 22.66 -18.59
CA MET A 239 -8.64 22.82 -18.40
C MET A 239 -8.39 23.70 -17.18
N VAL A 240 -7.35 23.35 -16.44
CA VAL A 240 -6.96 24.07 -15.23
C VAL A 240 -5.78 24.97 -15.55
N LEU A 241 -5.88 26.24 -15.16
CA LEU A 241 -4.78 27.19 -15.37
C LEU A 241 -4.35 27.90 -14.10
N TYR A 242 -3.05 28.19 -14.01
CA TYR A 242 -2.51 28.91 -12.86
C TYR A 242 -2.93 30.37 -13.02
N SER A 243 -3.71 30.88 -12.06
CA SER A 243 -4.48 32.12 -12.24
C SER A 243 -4.20 33.14 -11.15
N THR A 244 -3.09 33.85 -11.31
CA THR A 244 -2.68 34.91 -10.41
C THR A 244 -3.38 36.22 -10.79
N TRP A 245 -3.88 36.96 -9.81
CA TRP A 245 -4.42 38.29 -10.09
C TRP A 245 -3.28 39.32 -10.10
N TYR A 246 -3.38 40.28 -11.02
CA TYR A 246 -2.39 41.35 -11.15
C TYR A 246 -3.05 42.72 -11.01
N GLU A 247 -2.40 43.61 -10.26
CA GLU A 247 -2.81 44.99 -10.09
C GLU A 247 -1.69 45.90 -10.62
N PRO A 248 -2.04 47.04 -11.23
CA PRO A 248 -0.96 47.95 -11.70
C PRO A 248 -0.09 48.52 -10.55
N LEU A 249 1.23 48.49 -10.69
CA LEU A 249 2.09 48.98 -9.60
C LEU A 249 1.79 50.46 -9.33
N ARG A 250 1.79 51.28 -10.39
CA ARG A 250 1.32 52.67 -10.31
C ARG A 250 0.04 52.78 -11.13
N ASP A 251 -0.90 53.58 -10.64
CA ASP A 251 -2.19 53.71 -11.32
C ASP A 251 -2.08 54.70 -12.48
N VAL A 252 -1.35 54.30 -13.51
CA VAL A 252 -1.14 55.11 -14.70
C VAL A 252 -1.35 54.20 -15.92
N PRO A 253 -1.71 54.79 -17.08
CA PRO A 253 -2.00 53.94 -18.23
C PRO A 253 -0.94 52.90 -18.59
N GLU A 254 0.32 53.25 -18.60
CA GLU A 254 1.35 52.27 -19.02
C GLU A 254 1.43 51.02 -18.10
N ASP A 255 1.18 51.19 -16.80
CA ASP A 255 1.15 50.06 -15.87
C ASP A 255 -0.17 49.30 -15.96
N ARG A 256 -1.28 50.02 -16.17
CA ARG A 256 -2.56 49.37 -16.43
C ARG A 256 -2.47 48.47 -17.66
N LEU A 257 -1.90 48.98 -18.74
CA LEU A 257 -1.76 48.22 -19.97
C LEU A 257 -0.84 47.02 -19.76
N ALA A 258 0.27 47.25 -19.06
CA ALA A 258 1.20 46.18 -18.66
C ALA A 258 0.51 45.08 -17.83
N THR A 259 -0.38 45.49 -16.93
CA THR A 259 -1.16 44.56 -16.13
C THR A 259 -2.07 43.69 -17.02
N GLU A 260 -2.73 44.33 -17.97
CA GLU A 260 -3.55 43.62 -18.95
C GLU A 260 -2.71 42.63 -19.79
N ARG A 261 -1.51 43.03 -20.18
CA ARG A 261 -0.58 42.12 -20.86
C ARG A 261 -0.18 40.93 -19.98
N ALA A 262 0.20 41.20 -18.72
CA ALA A 262 0.59 40.13 -17.79
C ALA A 262 -0.53 39.10 -17.62
N LEU A 263 -1.76 39.59 -17.50
CA LEU A 263 -2.93 38.73 -17.40
C LEU A 263 -3.18 37.94 -18.68
N ALA A 264 -3.10 38.61 -19.83
CA ALA A 264 -3.35 37.99 -21.14
C ALA A 264 -2.33 36.94 -21.52
N PHE A 265 -1.09 37.12 -21.06
CA PHE A 265 0.00 36.17 -21.31
C PHE A 265 -0.09 34.92 -20.41
N GLU A 266 -0.97 34.91 -19.41
CA GLU A 266 -1.09 33.74 -18.54
C GLU A 266 -2.22 32.84 -19.00
N THR A 267 -3.44 33.05 -18.50
CA THR A 267 -4.49 32.07 -18.73
C THR A 267 -5.12 32.15 -20.13
N PRO A 268 -5.26 33.37 -20.71
CA PRO A 268 -5.79 33.43 -22.08
C PRO A 268 -4.90 32.83 -23.17
N TRP A 269 -3.61 32.70 -22.91
CA TRP A 269 -2.69 31.98 -23.78
C TRP A 269 -3.29 30.64 -24.20
N PHE A 270 -3.93 29.97 -23.24
CA PHE A 270 -4.63 28.70 -23.45
C PHE A 270 -6.13 28.87 -23.68
N LEU A 271 -6.77 29.71 -22.87
CA LEU A 271 -8.23 29.86 -22.92
C LEU A 271 -8.78 30.57 -24.16
N ASP A 272 -8.06 31.57 -24.70
CA ASP A 272 -8.52 32.23 -25.93
C ASP A 272 -8.63 31.22 -27.09
N PRO A 273 -7.57 30.44 -27.36
CA PRO A 273 -7.69 29.42 -28.40
C PRO A 273 -8.85 28.45 -28.17
N LEU A 274 -9.03 28.00 -26.92
CA LEU A 274 -10.08 27.06 -26.56
C LEU A 274 -11.50 27.64 -26.61
N VAL A 275 -11.68 28.95 -26.48
CA VAL A 275 -13.02 29.56 -26.50
C VAL A 275 -13.29 30.31 -27.81
N TYR A 276 -12.31 31.06 -28.30
CA TYR A 276 -12.46 31.93 -29.48
C TYR A 276 -11.72 31.45 -30.73
N GLY A 277 -10.88 30.42 -30.61
CA GLY A 277 -10.17 29.86 -31.76
C GLY A 277 -8.92 30.60 -32.21
N ASP A 278 -8.38 31.49 -31.38
CA ASP A 278 -7.15 32.22 -31.69
C ASP A 278 -6.43 32.53 -30.40
N TYR A 279 -5.11 32.68 -30.48
CA TYR A 279 -4.33 33.19 -29.36
C TYR A 279 -4.77 34.58 -28.95
N PRO A 280 -4.45 34.99 -27.70
CA PRO A 280 -4.85 36.35 -27.32
C PRO A 280 -4.25 37.40 -28.25
N PRO A 281 -5.06 38.40 -28.67
CA PRO A 281 -4.49 39.44 -29.53
C PRO A 281 -3.35 40.21 -28.83
N GLU A 282 -3.42 40.32 -27.50
CA GLU A 282 -2.37 40.98 -26.71
C GLU A 282 -1.04 40.28 -26.92
N MET A 283 -1.09 38.95 -26.97
CA MET A 283 0.09 38.12 -27.25
C MET A 283 0.51 38.17 -28.70
N ARG A 284 -0.46 38.04 -29.61
N ARG A 284 -0.45 38.05 -29.62
CA ARG A 284 -0.20 38.05 -31.05
CA ARG A 284 -0.15 38.03 -31.05
C ARG A 284 0.48 39.34 -31.51
C ARG A 284 0.48 39.34 -31.52
N GLN A 285 0.00 40.47 -30.98
CA GLN A 285 0.59 41.79 -31.31
C GLN A 285 2.11 41.84 -31.06
N ILE A 286 2.56 41.23 -29.97
CA ILE A 286 3.99 41.23 -29.61
C ILE A 286 4.76 40.09 -30.26
N LEU A 287 4.21 38.88 -30.24
CA LEU A 287 4.96 37.68 -30.63
C LEU A 287 4.87 37.33 -32.11
N GLY A 288 3.77 37.73 -32.76
CA GLY A 288 3.55 37.46 -34.19
C GLY A 288 3.70 35.97 -34.48
N GLY A 289 4.54 35.66 -35.47
CA GLY A 289 4.74 34.30 -35.94
C GLY A 289 5.34 33.30 -34.97
N ARG A 290 5.87 33.78 -33.84
CA ARG A 290 6.30 32.88 -32.76
C ARG A 290 5.17 32.03 -32.19
N LEU A 291 3.94 32.52 -32.26
CA LEU A 291 2.77 31.71 -31.95
C LEU A 291 2.41 30.95 -33.23
N PRO A 292 2.45 29.60 -33.20
CA PRO A 292 2.05 28.88 -34.43
C PRO A 292 0.59 29.08 -34.81
N SER A 293 0.26 28.74 -36.06
CA SER A 293 -1.08 28.90 -36.57
C SER A 293 -1.90 27.68 -36.24
N PHE A 294 -3.21 27.84 -36.26
CA PHE A 294 -4.14 26.74 -36.16
C PHE A 294 -4.63 26.40 -37.57
N SER A 295 -4.37 25.16 -38.00
CA SER A 295 -4.81 24.66 -39.31
C SER A 295 -6.33 24.45 -39.33
N PRO A 296 -6.92 24.22 -40.53
CA PRO A 296 -8.36 23.93 -40.56
C PRO A 296 -8.75 22.73 -39.70
N GLU A 297 -7.94 21.69 -39.75
CA GLU A 297 -8.12 20.52 -38.91
C GLU A 297 -8.07 20.90 -37.42
N ASP A 298 -7.07 21.71 -37.03
CA ASP A 298 -6.96 22.20 -35.64
C ASP A 298 -8.22 22.94 -35.24
N ARG A 299 -8.69 23.81 -36.12
CA ARG A 299 -9.85 24.66 -35.84
C ARG A 299 -11.12 23.86 -35.69
N ARG A 300 -11.22 22.75 -36.43
CA ARG A 300 -12.37 21.85 -36.29
C ARG A 300 -12.45 21.27 -34.86
N LYS A 301 -11.30 20.83 -34.34
CA LYS A 301 -11.22 20.30 -32.97
C LYS A 301 -11.48 21.40 -31.92
N LEU A 302 -10.96 22.59 -32.19
CA LEU A 302 -11.15 23.73 -31.30
C LEU A 302 -12.63 24.17 -31.15
N ARG A 303 -13.46 23.84 -32.13
CA ARG A 303 -14.92 24.08 -32.00
C ARG A 303 -15.60 23.31 -30.86
N TYR A 304 -14.97 22.23 -30.38
CA TYR A 304 -15.45 21.56 -29.16
C TYR A 304 -15.12 22.35 -27.85
N LYS A 305 -14.15 23.26 -27.92
CA LYS A 305 -13.89 24.26 -26.85
C LYS A 305 -13.56 23.64 -25.47
N LEU A 306 -14.23 24.11 -24.40
CA LEU A 306 -14.19 23.50 -23.09
C LEU A 306 -15.47 23.81 -22.32
N ASP A 307 -15.79 22.95 -21.37
CA ASP A 307 -17.02 23.07 -20.58
C ASP A 307 -16.82 23.92 -19.33
N PHE A 308 -15.60 24.01 -18.83
CA PHE A 308 -15.31 24.86 -17.67
C PHE A 308 -13.86 25.28 -17.61
N ILE A 309 -13.62 26.32 -16.81
CA ILE A 309 -12.30 26.82 -16.50
C ILE A 309 -11.97 26.38 -15.09
N GLY A 310 -10.85 25.69 -14.94
CA GLY A 310 -10.34 25.33 -13.64
C GLY A 310 -9.40 26.43 -13.18
N VAL A 311 -9.82 27.14 -12.13
CA VAL A 311 -9.08 28.30 -11.63
C VAL A 311 -8.22 27.87 -10.46
N ASN A 312 -6.91 27.75 -10.70
CA ASN A 312 -5.94 27.58 -9.59
C ASN A 312 -5.46 28.97 -9.16
N HIS A 313 -6.09 29.52 -8.13
CA HIS A 313 -5.76 30.86 -7.66
C HIS A 313 -5.22 30.85 -6.25
N TYR A 314 -4.04 31.46 -6.08
CA TYR A 314 -3.39 31.56 -4.79
C TYR A 314 -3.10 32.98 -4.33
N THR A 315 -2.60 33.81 -5.25
CA THR A 315 -1.96 35.06 -4.90
C THR A 315 -2.27 36.19 -5.87
N THR A 316 -1.85 37.39 -5.48
CA THR A 316 -2.00 38.62 -6.24
C THR A 316 -0.67 39.37 -6.19
N LEU A 317 -0.27 39.94 -7.32
CA LEU A 317 0.98 40.67 -7.46
C LEU A 317 0.76 42.00 -8.19
N TYR A 318 1.70 42.94 -8.00
CA TYR A 318 1.71 44.18 -8.77
C TYR A 318 2.38 43.92 -10.10
N ALA A 319 1.90 44.57 -11.16
CA ALA A 319 2.55 44.51 -12.48
C ALA A 319 2.95 45.91 -12.92
N ARG A 320 4.14 46.03 -13.51
CA ARG A 320 4.63 47.30 -14.04
C ARG A 320 5.16 47.16 -15.47
N ASP A 321 5.17 48.28 -16.18
CA ASP A 321 5.56 48.31 -17.58
C ASP A 321 7.05 48.08 -17.80
N CYS A 322 7.37 47.24 -18.79
CA CYS A 322 8.73 47.10 -19.33
C CYS A 322 8.81 47.43 -20.82
N MET A 323 7.71 47.86 -21.44
CA MET A 323 7.72 48.25 -22.85
C MET A 323 8.45 49.57 -23.06
N PHE A 324 8.31 50.50 -22.13
CA PHE A 324 8.90 51.84 -22.23
C PHE A 324 9.86 52.16 -21.09
N SER A 325 10.28 51.13 -20.35
CA SER A 325 11.34 51.20 -19.35
C SER A 325 12.19 49.95 -19.51
N ASP A 326 13.48 50.04 -19.19
CA ASP A 326 14.37 48.89 -19.30
C ASP A 326 14.31 48.08 -18.00
N CYS A 327 13.85 46.83 -18.10
CA CYS A 327 13.70 45.94 -16.95
C CYS A 327 14.73 44.80 -16.99
N PRO A 328 14.99 44.14 -15.84
CA PRO A 328 15.86 42.97 -15.88
C PRO A 328 15.29 41.91 -16.82
N GLN A 329 16.15 41.36 -17.66
CA GLN A 329 15.77 40.33 -18.63
C GLN A 329 15.85 38.95 -17.98
N GLY A 330 15.29 37.96 -18.65
CA GLY A 330 15.31 36.57 -18.18
C GLY A 330 14.26 36.15 -17.15
N GLN A 331 13.27 36.99 -16.87
CA GLN A 331 12.15 36.58 -16.02
C GLN A 331 11.07 36.01 -16.93
N GLU A 332 10.21 35.16 -16.39
CA GLU A 332 9.14 34.54 -17.21
C GLU A 332 8.19 35.54 -17.86
N THR A 333 7.99 36.69 -17.22
CA THR A 333 7.23 37.79 -17.80
C THR A 333 7.96 38.64 -18.87
N GLN A 334 9.18 38.27 -19.28
CA GLN A 334 9.94 39.10 -20.21
C GLN A 334 9.18 39.43 -21.49
N HIS A 335 8.65 38.41 -22.16
CA HIS A 335 8.01 38.62 -23.46
C HIS A 335 6.71 39.44 -23.38
N ALA A 336 6.02 39.35 -22.25
CA ALA A 336 4.85 40.19 -21.96
C ALA A 336 5.18 41.68 -21.73
N LEU A 337 6.47 42.00 -21.60
CA LEU A 337 6.96 43.37 -21.37
C LEU A 337 6.32 43.96 -20.13
N ALA A 338 6.26 43.13 -19.10
CA ALA A 338 5.85 43.53 -17.78
C ALA A 338 6.78 42.86 -16.80
N ALA A 339 6.91 43.46 -15.62
CA ALA A 339 7.64 42.87 -14.49
C ALA A 339 6.66 42.84 -13.34
N VAL A 340 6.76 41.81 -12.50
CA VAL A 340 5.79 41.62 -11.41
C VAL A 340 6.52 41.63 -10.08
N THR A 341 5.85 42.13 -9.05
CA THR A 341 6.41 42.16 -7.72
C THR A 341 5.33 42.16 -6.68
N GLY A 342 5.67 41.66 -5.51
CA GLY A 342 4.79 41.68 -4.37
C GLY A 342 4.92 42.91 -3.49
N GLU A 343 5.85 43.83 -3.79
CA GLU A 343 6.04 45.07 -3.00
C GLU A 343 5.83 46.36 -3.79
N SER A 344 5.43 47.41 -3.08
CA SER A 344 5.24 48.72 -3.67
C SER A 344 6.25 49.72 -3.14
N ASN A 345 6.27 49.95 -1.83
CA ASN A 345 7.27 50.86 -1.23
C ASN A 345 7.68 50.34 0.14
N GLY A 346 8.35 49.19 0.13
CA GLY A 346 8.65 48.45 1.36
C GLY A 346 7.42 47.98 2.14
N LEU A 347 6.31 47.81 1.44
CA LEU A 347 5.12 47.18 2.01
C LEU A 347 4.73 46.07 1.03
N PRO A 348 4.47 44.86 1.56
CA PRO A 348 3.99 43.81 0.69
C PRO A 348 2.52 44.03 0.35
N ILE A 349 2.11 43.53 -0.80
CA ILE A 349 0.71 43.61 -1.26
C ILE A 349 -0.30 42.98 -0.27
N GLY A 350 0.16 41.99 0.47
CA GLY A 350 -0.60 41.36 1.54
C GLY A 350 0.39 40.65 2.43
N THR A 351 -0.08 39.96 3.46
CA THR A 351 0.83 39.27 4.39
C THR A 351 1.67 38.28 3.58
N PRO A 352 3.01 38.35 3.70
CA PRO A 352 3.84 37.32 3.07
C PRO A 352 3.65 35.91 3.69
N THR A 353 3.99 34.89 2.91
CA THR A 353 3.91 33.49 3.33
C THR A 353 5.22 32.79 2.99
N ALA A 354 5.34 31.54 3.45
CA ALA A 354 6.53 30.74 3.18
C ALA A 354 6.75 30.41 1.70
N MET A 355 5.71 30.45 0.87
CA MET A 355 5.87 30.23 -0.57
C MET A 355 6.21 31.55 -1.23
N PRO A 356 7.38 31.65 -1.91
CA PRO A 356 7.69 32.85 -2.69
C PRO A 356 6.57 33.25 -3.66
N THR A 357 6.24 34.55 -3.67
CA THR A 357 5.18 35.17 -4.51
C THR A 357 3.74 35.02 -3.97
N PHE A 358 3.56 34.18 -2.95
CA PHE A 358 2.24 33.96 -2.36
C PHE A 358 2.04 34.94 -1.22
N TYR A 359 1.12 35.89 -1.41
CA TYR A 359 0.72 36.83 -0.36
C TYR A 359 -0.75 36.63 -0.05
N VAL A 360 -1.15 37.00 1.17
CA VAL A 360 -2.53 36.82 1.61
C VAL A 360 -3.30 38.02 1.06
N VAL A 361 -3.99 37.82 -0.07
CA VAL A 361 -4.76 38.88 -0.72
C VAL A 361 -6.10 38.29 -1.18
N PRO A 362 -7.07 38.15 -0.24
CA PRO A 362 -8.35 37.51 -0.54
C PRO A 362 -9.12 38.06 -1.74
N ASP A 363 -9.18 39.38 -1.91
CA ASP A 363 -10.01 39.93 -3.01
C ASP A 363 -9.44 39.62 -4.41
N GLY A 364 -8.19 39.13 -4.47
CA GLY A 364 -7.64 38.57 -5.70
C GLY A 364 -8.49 37.48 -6.34
N ILE A 365 -9.10 36.61 -5.51
CA ILE A 365 -9.92 35.51 -6.06
C ILE A 365 -11.20 36.06 -6.72
N GLU A 366 -11.80 37.07 -6.09
CA GLU A 366 -12.94 37.79 -6.66
C GLU A 366 -12.57 38.45 -7.99
N LYS A 367 -11.47 39.19 -7.97
CA LYS A 367 -11.05 39.93 -9.15
C LYS A 367 -10.66 38.98 -10.31
N MET A 368 -9.99 37.88 -10.00
CA MET A 368 -9.62 36.89 -11.01
C MET A 368 -10.87 36.27 -11.64
N VAL A 369 -11.81 35.84 -10.81
CA VAL A 369 -13.08 35.29 -11.30
C VAL A 369 -13.83 36.29 -12.22
N LYS A 370 -13.94 37.55 -11.78
CA LYS A 370 -14.57 38.60 -12.61
C LYS A 370 -13.85 38.81 -13.95
N TYR A 371 -12.52 38.70 -13.95
CA TYR A 371 -11.74 38.76 -15.19
C TYR A 371 -12.16 37.65 -16.16
N PHE A 372 -12.24 36.41 -15.67
CA PHE A 372 -12.76 35.31 -16.49
C PHE A 372 -14.20 35.57 -16.95
N MET A 373 -15.06 35.98 -16.03
CA MET A 373 -16.45 36.32 -16.38
C MET A 373 -16.55 37.23 -17.59
N ARG A 374 -15.83 38.35 -17.54
CA ARG A 374 -15.86 39.34 -18.61
C ARG A 374 -15.22 38.83 -19.89
N ARG A 375 -14.08 38.14 -19.79
CA ARG A 375 -13.38 37.69 -20.98
C ARG A 375 -14.08 36.51 -21.69
N TYR A 376 -14.71 35.63 -20.91
CA TYR A 376 -15.27 34.38 -21.42
C TYR A 376 -16.79 34.25 -21.18
N ASN A 377 -17.46 35.39 -21.04
CA ASN A 377 -18.91 35.45 -20.90
C ASN A 377 -19.46 34.46 -19.88
N ASN A 378 -18.86 34.49 -18.70
CA ASN A 378 -19.28 33.71 -17.57
C ASN A 378 -19.35 32.19 -17.82
N LEU A 379 -18.39 31.69 -18.59
CA LEU A 379 -18.23 30.24 -18.78
C LEU A 379 -18.09 29.61 -17.38
N PRO A 380 -18.69 28.42 -17.14
CA PRO A 380 -18.58 27.85 -15.79
C PRO A 380 -17.14 27.70 -15.28
N MET A 381 -16.96 27.95 -14.00
CA MET A 381 -15.66 27.88 -13.35
C MET A 381 -15.71 26.98 -12.13
N PHE A 382 -14.57 26.38 -11.82
CA PHE A 382 -14.38 25.71 -10.55
C PHE A 382 -13.08 26.25 -9.99
N ILE A 383 -13.05 26.52 -8.68
CA ILE A 383 -11.79 26.87 -8.03
C ILE A 383 -11.09 25.55 -7.73
N THR A 384 -10.23 25.12 -8.63
CA THR A 384 -9.64 23.79 -8.59
C THR A 384 -8.44 23.69 -7.65
N GLU A 385 -7.87 24.84 -7.25
CA GLU A 385 -6.88 24.90 -6.17
C GLU A 385 -6.92 26.28 -5.52
N ASN A 386 -6.81 26.28 -4.20
CA ASN A 386 -6.58 27.46 -3.38
C ASN A 386 -6.02 26.94 -2.08
N GLY A 387 -5.06 27.63 -1.49
CA GLY A 387 -4.44 27.13 -0.28
C GLY A 387 -3.26 27.95 0.19
N TYR A 388 -2.58 27.43 1.22
CA TYR A 388 -1.62 28.18 2.03
C TYR A 388 -0.49 27.24 2.45
N ALA A 389 0.74 27.72 2.32
CA ALA A 389 1.93 26.93 2.69
C ALA A 389 2.49 27.39 4.02
N GLN A 390 2.85 26.42 4.86
CA GLN A 390 3.74 26.64 5.99
C GLN A 390 5.15 26.21 5.60
N GLY A 391 6.14 26.88 6.14
CA GLY A 391 7.51 26.40 6.04
C GLY A 391 8.47 27.18 6.89
N GLY A 392 9.65 26.58 7.13
CA GLY A 392 10.81 27.31 7.62
C GLY A 392 11.14 27.10 9.09
N ASP A 393 12.02 27.98 9.60
CA ASP A 393 12.65 27.90 10.92
C ASP A 393 11.67 27.75 12.09
N SER A 394 10.52 28.44 12.00
CA SER A 394 9.47 28.42 13.04
C SER A 394 8.91 27.03 13.40
N TYR A 395 9.13 26.03 12.53
CA TYR A 395 8.52 24.70 12.68
C TYR A 395 9.58 23.63 12.91
N THR A 396 9.60 23.09 14.13
CA THR A 396 10.52 22.02 14.51
C THR A 396 9.82 20.69 14.85
N ASP A 397 8.57 20.74 15.32
CA ASP A 397 7.81 19.51 15.63
C ASP A 397 6.39 19.54 15.11
N ALA A 398 5.72 18.39 15.20
CA ALA A 398 4.33 18.22 14.77
C ALA A 398 3.39 19.30 15.27
N GLU A 399 3.46 19.61 16.56
CA GLU A 399 2.63 20.64 17.21
C GLU A 399 2.69 22.00 16.49
N ASP A 400 3.89 22.41 16.06
CA ASP A 400 4.07 23.68 15.34
C ASP A 400 3.29 23.66 14.02
N TRP A 401 3.42 22.57 13.25
CA TRP A 401 2.71 22.42 11.99
C TRP A 401 1.18 22.34 12.17
N ILE A 402 0.75 21.67 13.24
CA ILE A 402 -0.70 21.49 13.55
C ILE A 402 -1.40 22.81 13.91
N ASP A 403 -0.68 23.71 14.57
CA ASP A 403 -1.20 25.01 14.95
C ASP A 403 -1.19 25.98 13.74
N ASP A 404 -2.19 25.87 12.88
CA ASP A 404 -2.18 26.60 11.60
C ASP A 404 -3.37 27.57 11.49
N GLU A 405 -3.51 28.41 12.52
CA GLU A 405 -4.47 29.51 12.52
C GLU A 405 -4.22 30.47 11.34
N ASP A 406 -2.96 30.59 10.92
CA ASP A 406 -2.62 31.35 9.71
C ASP A 406 -3.27 30.76 8.44
N ARG A 407 -3.28 29.44 8.28
CA ARG A 407 -4.01 28.80 7.17
C ARG A 407 -5.52 29.04 7.28
N ILE A 408 -6.04 28.93 8.49
CA ILE A 408 -7.47 29.19 8.73
C ILE A 408 -7.86 30.59 8.26
N GLU A 409 -7.06 31.59 8.65
CA GLU A 409 -7.33 32.98 8.24
C GLU A 409 -7.30 33.16 6.71
N TYR A 410 -6.33 32.56 6.05
CA TYR A 410 -6.30 32.51 4.59
C TYR A 410 -7.60 31.93 4.00
N LEU A 411 -7.97 30.72 4.44
CA LEU A 411 -9.13 30.03 3.86
C LEU A 411 -10.43 30.80 4.06
N GLU A 412 -10.60 31.34 5.27
CA GLU A 412 -11.77 32.12 5.61
C GLU A 412 -11.88 33.40 4.76
N GLY A 413 -10.76 34.12 4.61
CA GLY A 413 -10.72 35.33 3.77
C GLY A 413 -11.05 35.06 2.32
N TYR A 414 -10.41 34.04 1.75
CA TYR A 414 -10.63 33.73 0.33
C TYR A 414 -12.02 33.17 0.08
N LEU A 415 -12.50 32.30 0.96
CA LEU A 415 -13.87 31.78 0.82
C LEU A 415 -14.92 32.89 0.95
N THR A 416 -14.67 33.85 1.82
CA THR A 416 -15.56 35.03 1.96
C THR A 416 -15.67 35.77 0.62
N LYS A 417 -14.54 36.06 0.01
CA LYS A 417 -14.54 36.76 -1.28
C LYS A 417 -15.10 35.90 -2.41
N LEU A 418 -14.92 34.59 -2.35
CA LEU A 418 -15.49 33.69 -3.35
C LEU A 418 -17.02 33.70 -3.29
N ALA A 419 -17.57 33.60 -2.08
CA ALA A 419 -19.03 33.67 -1.91
C ALA A 419 -19.59 35.00 -2.46
N LYS A 420 -18.84 36.08 -2.27
CA LYS A 420 -19.24 37.39 -2.76
C LYS A 420 -19.35 37.46 -4.28
N VAL A 421 -18.32 36.98 -4.98
CA VAL A 421 -18.32 37.00 -6.45
C VAL A 421 -19.42 36.12 -7.06
N ILE A 422 -19.76 35.03 -6.37
CA ILE A 422 -20.86 34.15 -6.78
C ILE A 422 -22.22 34.88 -6.59
N ARG A 423 -22.41 35.52 -5.44
CA ARG A 423 -23.58 36.41 -5.24
C ARG A 423 -23.67 37.47 -6.33
N ASP A 424 -22.53 38.02 -6.72
CA ASP A 424 -22.45 39.00 -7.81
C ASP A 424 -22.60 38.40 -9.24
N GLY A 425 -22.90 37.11 -9.38
CA GLY A 425 -23.26 36.52 -10.67
C GLY A 425 -22.29 35.52 -11.29
N ALA A 426 -21.11 35.32 -10.69
CA ALA A 426 -20.11 34.41 -11.24
C ALA A 426 -20.62 32.99 -11.21
N ASP A 427 -20.47 32.27 -12.33
CA ASP A 427 -20.89 30.89 -12.37
C ASP A 427 -19.74 29.98 -11.87
N VAL A 428 -19.41 30.11 -10.58
CA VAL A 428 -18.44 29.23 -9.96
C VAL A 428 -19.20 28.09 -9.32
N ARG A 429 -18.74 26.86 -9.53
CA ARG A 429 -19.48 25.65 -9.13
C ARG A 429 -18.80 24.74 -8.11
N GLY A 430 -17.60 25.11 -7.67
CA GLY A 430 -16.95 24.36 -6.63
C GLY A 430 -15.63 24.97 -6.20
N TYR A 431 -15.08 24.39 -5.13
CA TYR A 431 -13.85 24.83 -4.49
C TYR A 431 -13.10 23.60 -3.96
N PHE A 432 -11.81 23.54 -4.28
CA PHE A 432 -10.93 22.48 -3.85
C PHE A 432 -9.72 23.09 -3.12
N ALA A 433 -9.55 22.74 -1.85
CA ALA A 433 -8.40 23.20 -1.07
C ALA A 433 -7.17 22.38 -1.43
N TRP A 434 -6.10 23.06 -1.81
CA TRP A 434 -4.80 22.39 -1.95
C TRP A 434 -4.12 22.53 -0.59
N SER A 435 -3.90 21.44 0.17
CA SER A 435 -4.17 20.05 -0.19
C SER A 435 -4.67 19.33 1.06
N VAL A 436 -5.28 18.18 0.86
CA VAL A 436 -5.70 17.31 1.97
C VAL A 436 -4.52 16.93 2.85
N VAL A 437 -3.37 16.66 2.24
CA VAL A 437 -2.15 16.26 2.98
C VAL A 437 -0.94 17.06 2.51
N ASP A 438 0.02 17.25 3.42
CA ASP A 438 1.35 17.73 3.07
C ASP A 438 1.92 16.78 2.01
N ASN A 439 2.64 17.33 1.04
CA ASN A 439 3.11 16.50 -0.07
C ASN A 439 4.38 17.07 -0.71
N PHE A 440 4.87 16.42 -1.77
CA PHE A 440 6.09 16.85 -2.47
C PHE A 440 5.76 18.11 -3.26
N GLU A 441 6.31 19.26 -2.84
CA GLU A 441 6.02 20.56 -3.47
C GLU A 441 7.07 20.90 -4.55
N TRP A 442 7.13 20.04 -5.56
CA TRP A 442 7.96 20.25 -6.75
C TRP A 442 9.39 20.68 -6.36
N LEU A 443 9.87 21.84 -6.83
CA LEU A 443 11.28 22.23 -6.58
C LEU A 443 11.56 22.57 -5.12
N PHE A 444 10.50 22.78 -4.34
CA PHE A 444 10.64 23.02 -2.92
C PHE A 444 10.73 21.74 -2.09
N GLY A 445 10.56 20.58 -2.75
CA GLY A 445 10.54 19.29 -2.07
C GLY A 445 9.51 19.26 -0.95
N TYR A 446 9.89 18.70 0.20
CA TYR A 446 8.99 18.64 1.34
C TYR A 446 9.14 19.85 2.27
N THR A 447 9.87 20.88 1.86
CA THR A 447 10.09 22.05 2.73
C THR A 447 8.84 22.96 2.87
N LEU A 448 7.88 22.82 1.97
CA LEU A 448 6.61 23.54 2.07
C LEU A 448 5.47 22.56 2.27
N ARG A 449 4.62 22.87 3.24
CA ARG A 449 3.56 21.99 3.69
C ARG A 449 2.23 22.73 3.51
N PHE A 450 1.42 22.23 2.58
CA PHE A 450 0.14 22.83 2.21
C PHE A 450 -1.04 22.07 2.81
N GLY A 451 -0.79 20.96 3.51
CA GLY A 451 -1.84 20.05 3.89
C GLY A 451 -2.80 20.54 4.96
N LEU A 452 -4.05 20.08 4.88
CA LEU A 452 -4.97 20.14 6.02
C LEU A 452 -4.56 19.12 7.07
N TYR A 453 -3.97 18.01 6.62
CA TYR A 453 -3.38 17.01 7.49
C TYR A 453 -1.85 17.07 7.42
N TYR A 454 -1.24 17.06 8.59
CA TYR A 454 0.19 16.95 8.75
C TYR A 454 0.61 15.50 8.51
N ILE A 455 1.74 15.34 7.82
CA ILE A 455 2.32 14.03 7.57
C ILE A 455 3.70 13.94 8.20
N ASP A 456 3.89 12.94 9.07
CA ASP A 456 5.22 12.56 9.54
C ASP A 456 5.78 11.60 8.50
N TYR A 457 6.76 12.06 7.74
CA TYR A 457 7.34 11.23 6.67
C TYR A 457 8.17 10.02 7.13
N ARG A 458 8.61 10.02 8.39
CA ARG A 458 9.28 8.84 8.95
C ARG A 458 8.29 7.67 9.12
N THR A 459 7.06 7.98 9.53
CA THR A 459 6.07 6.95 9.85
C THR A 459 4.88 6.89 8.89
N GLN A 460 4.71 7.92 8.05
CA GLN A 460 3.50 8.13 7.25
C GLN A 460 2.23 8.38 8.07
N GLU A 461 2.38 8.70 9.36
CA GLU A 461 1.22 9.06 10.18
C GLU A 461 0.58 10.37 9.68
N ARG A 462 -0.74 10.34 9.50
CA ARG A 462 -1.55 11.51 9.20
C ARG A 462 -2.11 12.06 10.52
N SER A 463 -1.99 13.38 10.73
CA SER A 463 -2.58 14.06 11.91
C SER A 463 -3.32 15.32 11.45
N PRO A 464 -4.56 15.54 11.92
CA PRO A 464 -5.28 16.74 11.53
C PRO A 464 -4.64 18.01 12.07
N LYS A 465 -4.40 19.00 11.20
CA LYS A 465 -4.09 20.36 11.65
C LYS A 465 -5.39 21.04 12.07
N LEU A 466 -5.28 22.22 12.68
CA LEU A 466 -6.47 22.99 13.03
C LEU A 466 -7.33 23.33 11.81
N SER A 467 -6.70 23.53 10.66
CA SER A 467 -7.43 23.84 9.43
C SER A 467 -8.32 22.69 8.98
N ALA A 468 -7.90 21.43 9.25
CA ALA A 468 -8.75 20.27 8.94
C ALA A 468 -10.02 20.32 9.78
N LEU A 469 -9.87 20.65 11.05
CA LEU A 469 -11.00 20.81 11.97
C LEU A 469 -11.88 21.99 11.56
N TRP A 470 -11.25 23.09 11.16
CA TRP A 470 -11.98 24.25 10.67
C TRP A 470 -12.82 23.92 9.42
N TYR A 471 -12.19 23.28 8.43
CA TYR A 471 -12.86 22.96 7.16
C TYR A 471 -14.04 22.01 7.38
N LYS A 472 -13.84 21.02 8.26
CA LYS A 472 -14.91 20.14 8.74
C LYS A 472 -16.09 20.94 9.32
N GLU A 473 -15.77 21.86 10.20
CA GLU A 473 -16.78 22.69 10.85
C GLU A 473 -17.52 23.57 9.84
N PHE A 474 -16.77 24.18 8.92
CA PHE A 474 -17.32 24.92 7.80
C PHE A 474 -18.28 24.08 6.94
N LEU A 475 -17.87 22.87 6.58
CA LEU A 475 -18.73 22.00 5.73
C LEU A 475 -19.94 21.41 6.47
N GLN A 476 -19.89 21.38 7.80
CA GLN A 476 -21.09 21.04 8.60
C GLN A 476 -22.14 22.16 8.67
N ASN A 477 -21.76 23.38 8.30
CA ASN A 477 -22.66 24.56 8.36
C ASN A 477 -23.08 24.85 9.81
N ALA B 1 34.33 -23.91 9.83
CA ALA B 1 33.91 -24.33 8.46
C ALA B 1 32.44 -24.73 8.46
N MET B 2 31.82 -24.78 7.27
CA MET B 2 30.43 -25.22 7.18
C MET B 2 30.40 -26.67 7.64
N ALA B 3 29.65 -26.92 8.72
CA ALA B 3 29.65 -28.21 9.40
C ALA B 3 28.72 -29.22 8.72
N ILE B 4 27.82 -28.72 7.88
CA ILE B 4 26.78 -29.56 7.27
C ILE B 4 26.51 -29.03 5.87
N HIS B 5 26.13 -29.92 4.96
CA HIS B 5 25.93 -29.55 3.56
C HIS B 5 24.68 -30.24 3.00
N ARG B 6 24.20 -29.76 1.86
CA ARG B 6 23.06 -30.39 1.17
C ARG B 6 23.29 -31.87 0.88
N SER B 7 24.54 -32.21 0.57
CA SER B 7 24.96 -33.59 0.31
C SER B 7 24.85 -34.53 1.50
N ASP B 8 24.68 -33.99 2.71
CA ASP B 8 24.43 -34.80 3.92
C ASP B 8 22.95 -35.23 4.06
N PHE B 9 22.10 -34.83 3.12
CA PHE B 9 20.69 -35.19 3.09
C PHE B 9 20.44 -35.97 1.80
N PRO B 10 19.33 -36.73 1.73
CA PRO B 10 19.00 -37.47 0.50
C PRO B 10 18.80 -36.57 -0.72
N ALA B 11 19.12 -37.11 -1.89
CA ALA B 11 19.01 -36.37 -3.15
C ALA B 11 17.60 -35.84 -3.44
N SER B 12 16.55 -36.52 -2.99
CA SER B 12 15.16 -36.07 -3.23
C SER B 12 14.56 -35.10 -2.19
N PHE B 13 15.38 -34.62 -1.26
CA PHE B 13 14.92 -33.78 -0.15
C PHE B 13 14.49 -32.39 -0.64
N LEU B 14 13.41 -31.84 -0.09
CA LEU B 14 13.00 -30.46 -0.37
C LEU B 14 13.70 -29.51 0.57
N PHE B 15 14.32 -28.47 0.02
CA PHE B 15 14.89 -27.37 0.81
C PHE B 15 14.26 -26.08 0.34
N GLY B 16 13.73 -25.30 1.28
CA GLY B 16 13.09 -24.06 0.95
C GLY B 16 13.05 -23.06 2.08
N THR B 17 12.15 -22.09 1.92
CA THR B 17 11.82 -21.13 2.94
C THR B 17 10.31 -21.13 3.10
N ALA B 18 9.84 -20.58 4.22
CA ALA B 18 8.42 -20.52 4.53
C ALA B 18 7.95 -19.09 4.90
N THR B 19 6.71 -18.79 4.49
CA THR B 19 6.00 -17.57 4.78
C THR B 19 4.52 -17.91 5.06
N SER B 20 3.72 -16.88 5.43
CA SER B 20 2.25 -16.94 5.43
C SER B 20 1.67 -15.66 4.88
N SER B 21 0.42 -15.75 4.44
CA SER B 21 -0.23 -14.68 3.67
C SER B 21 -0.34 -13.39 4.47
N TYR B 22 -0.88 -13.46 5.69
CA TYR B 22 -1.05 -12.24 6.47
C TYR B 22 0.30 -11.61 6.82
N GLN B 23 1.32 -12.44 7.02
CA GLN B 23 2.60 -11.93 7.49
C GLN B 23 3.39 -11.19 6.43
N ILE B 24 3.15 -11.49 5.14
CA ILE B 24 3.95 -10.89 4.06
C ILE B 24 3.22 -10.08 3.00
N GLU B 25 1.95 -10.40 2.70
CA GLU B 25 1.33 -9.94 1.46
C GLU B 25 1.02 -8.43 1.40
N GLY B 26 0.55 -7.88 2.52
CA GLY B 26 -0.10 -6.58 2.50
C GLY B 26 -1.27 -6.55 1.54
N ALA B 27 -1.48 -5.39 0.90
CA ALA B 27 -2.56 -5.20 -0.08
C ALA B 27 -3.89 -5.75 0.47
N TYR B 28 -4.14 -5.44 1.74
CA TYR B 28 -5.19 -6.14 2.51
C TYR B 28 -6.62 -5.92 2.01
N LEU B 29 -6.86 -4.83 1.30
CA LEU B 29 -8.17 -4.57 0.66
C LEU B 29 -8.15 -4.56 -0.87
N GLU B 30 -7.05 -5.02 -1.49
CA GLU B 30 -6.94 -5.01 -2.94
C GLU B 30 -7.45 -6.31 -3.53
N GLY B 31 -7.77 -6.28 -4.82
CA GLY B 31 -8.21 -7.45 -5.56
C GLY B 31 -9.47 -8.11 -5.01
N ASN B 32 -10.40 -7.28 -4.52
CA ASN B 32 -11.68 -7.70 -3.93
C ASN B 32 -11.55 -8.56 -2.66
N LYS B 33 -10.40 -8.51 -1.99
CA LYS B 33 -10.21 -9.26 -0.75
C LYS B 33 -11.07 -8.65 0.37
N SER B 34 -11.66 -9.52 1.20
CA SER B 34 -12.43 -9.06 2.35
C SER B 34 -11.52 -8.93 3.55
N LEU B 35 -12.05 -8.29 4.59
CA LEU B 35 -11.37 -8.21 5.87
C LEU B 35 -11.26 -9.60 6.52
N SER B 36 -10.06 -9.94 6.98
CA SER B 36 -9.85 -11.14 7.78
C SER B 36 -9.91 -10.84 9.26
N ASN B 37 -9.95 -11.91 10.07
CA ASN B 37 -9.82 -11.79 11.52
C ASN B 37 -8.62 -10.95 11.95
N TRP B 38 -7.49 -11.12 11.27
CA TRP B 38 -6.27 -10.38 11.64
C TRP B 38 -6.32 -8.90 11.17
N ASP B 39 -6.93 -8.64 10.01
CA ASP B 39 -7.18 -7.26 9.60
C ASP B 39 -7.95 -6.48 10.69
N VAL B 40 -9.01 -7.09 11.21
CA VAL B 40 -9.86 -6.45 12.23
C VAL B 40 -9.08 -6.30 13.54
N PHE B 41 -8.47 -7.40 13.98
CA PHE B 41 -7.71 -7.47 15.24
C PHE B 41 -6.57 -6.45 15.33
N THR B 42 -5.79 -6.31 14.26
CA THR B 42 -4.65 -5.39 14.26
C THR B 42 -5.05 -3.92 14.12
N HIS B 43 -6.30 -3.65 13.77
CA HIS B 43 -6.80 -2.27 13.75
C HIS B 43 -7.45 -1.85 15.07
N LEU B 44 -7.34 -2.69 16.10
CA LEU B 44 -7.77 -2.36 17.45
C LEU B 44 -6.55 -2.07 18.31
N PRO B 45 -6.61 -1.00 19.12
CA PRO B 45 -5.45 -0.60 19.95
C PRO B 45 -5.12 -1.62 21.03
N GLY B 46 -3.83 -1.71 21.37
CA GLY B 46 -3.37 -2.52 22.50
C GLY B 46 -3.11 -3.98 22.23
N ASN B 47 -3.26 -4.43 20.99
CA ASN B 47 -3.06 -5.85 20.66
C ASN B 47 -1.66 -6.18 20.18
N ILE B 48 -1.07 -5.29 19.37
CA ILE B 48 0.22 -5.57 18.75
C ILE B 48 1.27 -4.72 19.44
N LYS B 49 2.41 -5.34 19.77
CA LYS B 49 3.43 -4.72 20.63
C LYS B 49 3.86 -3.32 20.16
N ASP B 50 4.10 -3.16 18.86
CA ASP B 50 4.58 -1.88 18.30
C ASP B 50 3.45 -1.05 17.66
N GLY B 51 2.20 -1.38 17.98
CA GLY B 51 1.04 -0.72 17.36
C GLY B 51 0.92 -0.85 15.85
N SER B 52 1.56 -1.87 15.26
CA SER B 52 1.63 -2.03 13.80
C SER B 52 0.54 -2.98 13.30
N ASN B 53 0.47 -3.13 11.98
CA ASN B 53 -0.46 -4.07 11.36
C ASN B 53 0.13 -4.68 10.10
N GLY B 54 -0.62 -5.57 9.48
CA GLY B 54 -0.23 -6.19 8.21
C GLY B 54 -0.88 -5.61 6.98
N ASP B 55 -1.34 -4.35 7.04
CA ASP B 55 -1.97 -3.71 5.87
C ASP B 55 -1.04 -3.74 4.67
N ILE B 56 0.25 -3.50 4.92
CA ILE B 56 1.30 -3.44 3.90
C ILE B 56 2.33 -4.55 4.06
N ALA B 57 2.81 -4.79 5.29
CA ALA B 57 3.75 -5.88 5.57
C ALA B 57 4.97 -5.82 4.63
N ASP B 58 5.27 -6.89 3.90
CA ASP B 58 6.39 -6.89 2.95
C ASP B 58 5.96 -6.52 1.55
N ASP B 59 4.71 -6.10 1.39
CA ASP B 59 4.16 -5.66 0.11
C ASP B 59 4.33 -6.76 -0.96
N HIS B 60 4.20 -8.01 -0.52
CA HIS B 60 4.55 -9.15 -1.36
C HIS B 60 3.49 -9.40 -2.44
N TYR B 61 2.22 -9.08 -2.17
CA TYR B 61 1.18 -9.09 -3.22
C TYR B 61 1.66 -8.34 -4.45
N HIS B 62 2.26 -7.16 -4.23
CA HIS B 62 2.83 -6.38 -5.32
C HIS B 62 4.21 -6.89 -5.75
N ARG B 63 5.05 -7.28 -4.80
CA ARG B 63 6.47 -7.52 -5.04
C ARG B 63 6.90 -8.99 -5.14
N TYR B 64 5.95 -9.91 -5.33
CA TYR B 64 6.25 -11.34 -5.34
C TYR B 64 7.33 -11.76 -6.33
N GLU B 65 7.43 -11.10 -7.49
CA GLU B 65 8.40 -11.48 -8.52
C GLU B 65 9.82 -11.32 -8.01
N GLU B 66 10.11 -10.20 -7.36
CA GLU B 66 11.42 -9.99 -6.74
C GLU B 66 11.69 -11.06 -5.67
N ASP B 67 10.71 -11.33 -4.83
CA ASP B 67 10.91 -12.35 -3.78
C ASP B 67 11.18 -13.75 -4.35
N VAL B 68 10.48 -14.11 -5.45
CA VAL B 68 10.75 -15.37 -6.14
C VAL B 68 12.20 -15.41 -6.72
N GLU B 69 12.65 -14.29 -7.29
CA GLU B 69 14.03 -14.20 -7.79
C GLU B 69 15.03 -14.37 -6.66
N LEU B 70 14.77 -13.73 -5.52
CA LEU B 70 15.67 -13.85 -4.37
C LEU B 70 15.76 -15.28 -3.85
N MET B 71 14.63 -15.95 -3.66
CA MET B 71 14.66 -17.34 -3.21
C MET B 71 15.31 -18.25 -4.27
N ASN B 72 15.10 -17.97 -5.55
CA ASN B 72 15.76 -18.73 -6.62
C ASN B 72 17.29 -18.60 -6.57
N SER B 73 17.77 -17.39 -6.24
CA SER B 73 19.22 -17.16 -6.11
C SER B 73 19.85 -17.95 -4.95
N LEU B 74 19.05 -18.31 -3.95
CA LEU B 74 19.53 -19.18 -2.86
C LEU B 74 19.71 -20.64 -3.28
N GLY B 75 19.03 -21.05 -4.35
CA GLY B 75 19.07 -22.40 -4.87
C GLY B 75 18.07 -23.32 -4.21
N VAL B 76 16.98 -22.77 -3.64
CA VAL B 76 15.92 -23.60 -3.07
C VAL B 76 15.24 -24.42 -4.18
N ASN B 77 14.65 -25.55 -3.83
CA ASN B 77 13.80 -26.28 -4.77
C ASN B 77 12.32 -26.31 -4.36
N ALA B 78 11.97 -25.55 -3.31
CA ALA B 78 10.59 -25.47 -2.84
C ALA B 78 10.31 -24.19 -2.08
N TYR B 79 9.03 -23.85 -1.99
CA TYR B 79 8.59 -22.62 -1.34
C TYR B 79 7.29 -22.90 -0.62
N ARG B 80 7.31 -22.73 0.71
CA ARG B 80 6.13 -22.88 1.56
C ARG B 80 5.46 -21.52 1.81
N PHE B 81 4.21 -21.41 1.36
CA PHE B 81 3.40 -20.20 1.51
C PHE B 81 1.95 -20.56 1.82
N SER B 82 1.17 -19.59 2.28
CA SER B 82 -0.24 -19.80 2.58
C SER B 82 -1.15 -19.00 1.64
N ILE B 83 -2.37 -19.48 1.49
CA ILE B 83 -3.37 -18.85 0.64
C ILE B 83 -4.33 -18.08 1.53
N SER B 84 -4.55 -16.81 1.20
CA SER B 84 -5.51 -15.98 1.95
C SER B 84 -6.93 -16.39 1.58
N TRP B 85 -7.62 -17.00 2.55
CA TRP B 85 -9.04 -17.39 2.40
C TRP B 85 -9.88 -16.19 1.91
N SER B 86 -9.63 -15.03 2.53
CA SER B 86 -10.32 -13.78 2.18
C SER B 86 -10.14 -13.30 0.74
N ARG B 87 -9.05 -13.73 0.07
CA ARG B 87 -8.83 -13.48 -1.35
C ARG B 87 -9.55 -14.47 -2.24
N ILE B 88 -9.64 -15.73 -1.82
CA ILE B 88 -10.23 -16.76 -2.67
C ILE B 88 -11.76 -16.74 -2.59
N LEU B 89 -12.27 -16.72 -1.37
CA LEU B 89 -13.70 -16.67 -1.10
C LEU B 89 -13.93 -15.54 -0.10
N PRO B 90 -14.02 -14.27 -0.56
CA PRO B 90 -14.13 -13.13 0.35
C PRO B 90 -15.27 -13.25 1.36
N LYS B 91 -16.36 -13.90 0.97
CA LYS B 91 -17.53 -14.09 1.85
C LYS B 91 -17.77 -15.56 2.18
N GLY B 92 -16.72 -16.39 2.10
CA GLY B 92 -16.85 -17.84 2.22
C GLY B 92 -17.93 -18.44 1.30
N ARG B 93 -18.74 -19.35 1.84
CA ARG B 93 -19.88 -19.92 1.12
C ARG B 93 -21.00 -18.89 0.81
N PHE B 94 -20.92 -17.71 1.40
CA PHE B 94 -21.98 -16.71 1.29
C PHE B 94 -21.72 -15.70 0.15
N GLY B 95 -20.72 -15.99 -0.69
CA GLY B 95 -20.48 -15.24 -1.91
C GLY B 95 -19.75 -16.13 -2.90
N GLY B 96 -19.25 -15.54 -3.98
CA GLY B 96 -18.64 -16.33 -5.06
C GLY B 96 -17.14 -16.49 -4.89
N VAL B 97 -16.54 -17.29 -5.78
CA VAL B 97 -15.10 -17.38 -5.91
C VAL B 97 -14.62 -16.08 -6.56
N ASN B 98 -13.52 -15.54 -6.04
CA ASN B 98 -13.00 -14.24 -6.47
C ASN B 98 -11.89 -14.45 -7.53
N PRO B 99 -12.15 -14.07 -8.81
CA PRO B 99 -11.14 -14.26 -9.86
C PRO B 99 -9.79 -13.58 -9.61
N ALA B 100 -9.79 -12.39 -9.01
CA ALA B 100 -8.54 -11.69 -8.73
C ALA B 100 -7.62 -12.47 -7.77
N GLY B 101 -8.22 -13.10 -6.75
CA GLY B 101 -7.48 -13.94 -5.80
C GLY B 101 -6.89 -15.17 -6.48
N ILE B 102 -7.72 -15.85 -7.27
CA ILE B 102 -7.30 -17.01 -8.06
C ILE B 102 -6.13 -16.63 -8.96
N ASP B 103 -6.30 -15.52 -9.69
CA ASP B 103 -5.28 -15.00 -10.61
CA ASP B 103 -5.29 -15.02 -10.61
C ASP B 103 -3.95 -14.75 -9.91
N PHE B 104 -4.00 -14.14 -8.72
CA PHE B 104 -2.74 -13.86 -8.00
C PHE B 104 -1.93 -15.13 -7.69
N TYR B 105 -2.60 -16.10 -7.07
CA TYR B 105 -1.90 -17.32 -6.68
C TYR B 105 -1.45 -18.11 -7.91
N ASN B 106 -2.21 -18.07 -9.01
CA ASN B 106 -1.75 -18.68 -10.26
C ASN B 106 -0.46 -18.05 -10.75
N LYS B 107 -0.34 -16.72 -10.66
CA LYS B 107 0.90 -16.06 -11.07
C LYS B 107 2.08 -16.47 -10.18
N LEU B 108 1.81 -16.53 -8.88
CA LEU B 108 2.84 -16.91 -7.91
C LEU B 108 3.32 -18.34 -8.16
N ILE B 109 2.36 -19.26 -8.28
CA ILE B 109 2.67 -20.66 -8.53
C ILE B 109 3.42 -20.83 -9.84
N ASP B 110 2.95 -20.18 -10.91
CA ASP B 110 3.64 -20.25 -12.21
C ASP B 110 5.07 -19.67 -12.14
N SER B 111 5.27 -18.58 -11.39
CA SER B 111 6.62 -17.98 -11.23
C SER B 111 7.61 -18.93 -10.58
N ILE B 112 7.23 -19.52 -9.45
CA ILE B 112 8.16 -20.46 -8.75
C ILE B 112 8.42 -21.72 -9.59
N LEU B 113 7.40 -22.27 -10.25
CA LEU B 113 7.59 -23.46 -11.09
C LEU B 113 8.47 -23.20 -12.32
N LEU B 114 8.41 -22.00 -12.90
CA LEU B 114 9.33 -21.60 -13.96
C LEU B 114 10.81 -21.71 -13.54
N LYS B 115 11.09 -21.52 -12.24
CA LYS B 115 12.42 -21.65 -11.66
C LYS B 115 12.73 -23.03 -11.08
N GLY B 116 11.89 -24.04 -11.34
CA GLY B 116 12.03 -25.36 -10.69
C GLY B 116 11.78 -25.39 -9.18
N ILE B 117 11.00 -24.43 -8.68
CA ILE B 117 10.70 -24.32 -7.23
C ILE B 117 9.28 -24.85 -7.01
N GLN B 118 9.18 -25.94 -6.25
CA GLN B 118 7.91 -26.63 -6.00
C GLN B 118 7.05 -25.92 -4.94
N PRO B 119 5.78 -25.67 -5.22
CA PRO B 119 4.88 -25.13 -4.19
C PRO B 119 4.65 -26.09 -3.03
N PHE B 120 4.58 -25.56 -1.82
CA PHE B 120 4.25 -26.34 -0.63
C PHE B 120 3.22 -25.50 0.12
N VAL B 121 1.94 -25.75 -0.14
CA VAL B 121 0.92 -24.72 0.10
C VAL B 121 0.10 -24.98 1.35
N THR B 122 0.05 -24.00 2.24
CA THR B 122 -0.82 -24.03 3.42
C THR B 122 -2.16 -23.38 3.07
N LEU B 123 -3.27 -24.06 3.35
CA LEU B 123 -4.58 -23.48 3.10
C LEU B 123 -4.88 -22.37 4.10
N THR B 124 -4.73 -22.66 5.40
CA THR B 124 -5.05 -21.69 6.45
C THR B 124 -3.90 -21.57 7.45
N HIS B 125 -3.48 -20.34 7.67
CA HIS B 125 -2.37 -20.05 8.56
C HIS B 125 -2.84 -18.89 9.45
N TYR B 126 -3.69 -19.24 10.41
CA TYR B 126 -4.28 -18.34 11.42
C TYR B 126 -5.46 -17.49 10.91
N ASP B 127 -5.56 -17.32 9.60
CA ASP B 127 -6.49 -16.36 8.99
C ASP B 127 -7.82 -16.99 8.62
N ILE B 128 -8.87 -16.17 8.70
CA ILE B 128 -10.21 -16.52 8.23
CA ILE B 128 -10.22 -16.54 8.27
C ILE B 128 -10.90 -15.24 7.80
N PRO B 129 -11.87 -15.33 6.86
CA PRO B 129 -12.62 -14.09 6.63
C PRO B 129 -13.39 -13.72 7.91
N GLN B 130 -13.35 -12.44 8.28
CA GLN B 130 -14.07 -11.97 9.47
C GLN B 130 -15.54 -12.37 9.41
N GLU B 131 -16.09 -12.39 8.20
CA GLU B 131 -17.48 -12.77 7.99
C GLU B 131 -17.86 -14.12 8.61
N LEU B 132 -16.93 -15.08 8.59
CA LEU B 132 -17.19 -16.40 9.19
C LEU B 132 -17.24 -16.38 10.71
N GLU B 133 -16.45 -15.50 11.32
CA GLU B 133 -16.56 -15.23 12.75
C GLU B 133 -17.89 -14.56 13.07
N ASP B 134 -18.22 -13.53 12.29
CA ASP B 134 -19.45 -12.76 12.49
C ASP B 134 -20.69 -13.63 12.36
N ARG B 135 -20.75 -14.43 11.31
CA ARG B 135 -21.97 -15.19 10.99
C ARG B 135 -22.26 -16.33 11.97
N TYR B 136 -21.25 -17.11 12.34
CA TYR B 136 -21.48 -18.25 13.24
C TYR B 136 -20.39 -18.58 14.26
N GLY B 137 -19.52 -17.63 14.55
CA GLY B 137 -18.44 -17.85 15.51
C GLY B 137 -17.37 -18.83 15.03
N ALA B 138 -17.17 -18.89 13.73
CA ALA B 138 -16.13 -19.70 13.07
C ALA B 138 -15.94 -21.10 13.68
N TRP B 139 -14.83 -21.33 14.40
CA TRP B 139 -14.42 -22.67 14.87
C TRP B 139 -15.30 -23.23 16.00
N LEU B 140 -16.12 -22.38 16.61
CA LEU B 140 -17.09 -22.83 17.60
C LEU B 140 -18.38 -23.41 17.00
N ASN B 141 -18.50 -23.50 15.68
CA ASN B 141 -19.71 -24.08 15.05
C ASN B 141 -19.31 -25.04 13.95
N ALA B 142 -19.99 -26.19 13.88
CA ALA B 142 -19.66 -27.24 12.91
C ALA B 142 -19.79 -26.79 11.45
N GLU B 143 -20.56 -25.72 11.20
CA GLU B 143 -20.66 -25.14 9.86
C GLU B 143 -19.32 -24.71 9.23
N ILE B 144 -18.34 -24.34 10.05
CA ILE B 144 -16.98 -24.07 9.57
C ILE B 144 -16.38 -25.20 8.73
N GLN B 145 -16.82 -26.43 8.97
CA GLN B 145 -16.34 -27.60 8.24
C GLN B 145 -16.75 -27.51 6.78
N SER B 146 -17.98 -27.04 6.53
CA SER B 146 -18.48 -26.84 5.16
C SER B 146 -17.75 -25.70 4.47
N ASP B 147 -17.55 -24.60 5.19
CA ASP B 147 -16.80 -23.45 4.63
C ASP B 147 -15.35 -23.82 4.33
N PHE B 148 -14.70 -24.54 5.25
CA PHE B 148 -13.33 -24.96 5.00
C PHE B 148 -13.23 -25.96 3.83
N GLY B 149 -14.16 -26.92 3.77
CA GLY B 149 -14.20 -27.88 2.68
C GLY B 149 -14.39 -27.22 1.34
N HIS B 150 -15.24 -26.19 1.32
CA HIS B 150 -15.49 -25.43 0.11
C HIS B 150 -14.23 -24.68 -0.37
N PHE B 151 -13.57 -24.01 0.57
CA PHE B 151 -12.31 -23.32 0.31
C PHE B 151 -11.22 -24.28 -0.21
N ALA B 152 -11.10 -25.44 0.42
CA ALA B 152 -10.12 -26.45 -0.02
C ALA B 152 -10.47 -26.96 -1.42
N ASP B 153 -11.73 -27.30 -1.64
CA ASP B 153 -12.22 -27.78 -2.94
C ASP B 153 -11.87 -26.78 -4.07
N VAL B 154 -12.18 -25.50 -3.85
CA VAL B 154 -11.83 -24.43 -4.79
C VAL B 154 -10.33 -24.33 -5.05
N CYS B 155 -9.51 -24.40 -4.00
CA CYS B 155 -8.06 -24.35 -4.15
C CYS B 155 -7.51 -25.59 -4.86
N PHE B 156 -8.00 -26.78 -4.50
CA PHE B 156 -7.59 -28.01 -5.18
C PHE B 156 -7.91 -27.93 -6.67
N GLY B 157 -9.13 -27.50 -6.98
CA GLY B 157 -9.57 -27.34 -8.37
C GLY B 157 -8.78 -26.33 -9.18
N ALA B 158 -8.50 -25.18 -8.60
CA ALA B 158 -7.80 -24.09 -9.30
C ALA B 158 -6.29 -24.28 -9.40
N PHE B 159 -5.68 -24.85 -8.37
CA PHE B 159 -4.20 -24.89 -8.29
C PHE B 159 -3.57 -26.28 -8.27
N GLY B 160 -4.37 -27.32 -8.03
CA GLY B 160 -3.85 -28.65 -7.74
C GLY B 160 -3.18 -29.37 -8.89
N ASP B 161 -3.42 -28.91 -10.12
CA ASP B 161 -2.69 -29.41 -11.29
C ASP B 161 -1.18 -29.11 -11.17
N ARG B 162 -0.84 -28.05 -10.42
CA ARG B 162 0.54 -27.63 -10.20
C ARG B 162 1.05 -27.73 -8.75
N VAL B 163 0.16 -27.77 -7.77
CA VAL B 163 0.53 -27.90 -6.36
C VAL B 163 0.41 -29.37 -5.97
N LYS B 164 1.50 -29.97 -5.52
CA LYS B 164 1.55 -31.38 -5.09
C LYS B 164 1.68 -31.62 -3.59
N TYR B 165 1.88 -30.54 -2.81
CA TYR B 165 1.96 -30.62 -1.35
C TYR B 165 1.03 -29.56 -0.78
N TRP B 166 0.06 -30.02 0.01
CA TRP B 166 -0.92 -29.18 0.68
C TRP B 166 -0.88 -29.45 2.17
N THR B 167 -1.05 -28.39 2.94
CA THR B 167 -1.28 -28.46 4.36
C THR B 167 -2.65 -27.82 4.61
N THR B 168 -3.49 -28.48 5.40
CA THR B 168 -4.78 -27.89 5.74
C THR B 168 -4.62 -26.68 6.68
N PHE B 169 -3.95 -26.89 7.81
CA PHE B 169 -3.83 -25.88 8.86
C PHE B 169 -2.41 -25.74 9.38
N ASN B 170 -2.03 -24.49 9.67
CA ASN B 170 -0.76 -24.21 10.34
C ASN B 170 -1.01 -24.00 11.83
N GLU B 171 -0.49 -24.92 12.63
CA GLU B 171 -0.44 -24.79 14.07
C GLU B 171 -1.77 -24.48 14.73
N PRO B 172 -2.80 -25.29 14.45
CA PRO B 172 -4.05 -25.05 15.16
C PRO B 172 -3.92 -25.22 16.69
N ASN B 173 -2.92 -25.97 17.15
CA ASN B 173 -2.65 -26.06 18.60
C ASN B 173 -2.32 -24.68 19.22
N VAL B 174 -1.57 -23.85 18.49
CA VAL B 174 -1.29 -22.48 18.90
C VAL B 174 -2.50 -21.57 18.73
N ALA B 175 -3.10 -21.59 17.53
CA ALA B 175 -4.19 -20.67 17.22
C ALA B 175 -5.42 -20.91 18.10
N VAL B 176 -5.73 -22.18 18.35
CA VAL B 176 -6.88 -22.52 19.21
C VAL B 176 -6.65 -22.08 20.64
N ARG B 177 -5.48 -22.39 21.20
CA ARG B 177 -5.21 -22.02 22.59
C ARG B 177 -5.13 -20.49 22.76
N HIS B 178 -4.45 -19.81 21.85
CA HIS B 178 -4.39 -18.34 21.91
C HIS B 178 -5.77 -17.71 21.72
N GLY B 179 -6.55 -18.27 20.78
CA GLY B 179 -7.85 -17.71 20.44
C GLY B 179 -8.93 -17.92 21.47
N TYR B 180 -8.90 -19.08 22.12
CA TYR B 180 -10.02 -19.53 22.96
C TYR B 180 -9.63 -19.90 24.38
N MET B 181 -8.34 -20.00 24.70
CA MET B 181 -7.91 -20.34 26.05
C MET B 181 -7.33 -19.13 26.75
N LEU B 182 -6.30 -18.53 26.14
CA LEU B 182 -5.70 -17.30 26.65
C LEU B 182 -6.40 -16.03 26.17
N GLY B 183 -7.07 -16.12 25.02
CA GLY B 183 -7.74 -14.98 24.42
C GLY B 183 -6.80 -13.90 23.94
N THR B 184 -5.57 -14.26 23.58
CA THR B 184 -4.56 -13.32 23.10
C THR B 184 -4.51 -13.23 21.56
N TYR B 185 -5.16 -14.16 20.87
CA TYR B 185 -5.39 -14.07 19.42
C TYR B 185 -6.90 -13.92 19.21
N PRO B 186 -7.31 -13.39 18.05
CA PRO B 186 -8.75 -13.42 17.71
C PRO B 186 -9.28 -14.86 17.73
N PRO B 187 -10.51 -15.11 18.18
CA PRO B 187 -11.52 -14.08 18.53
C PRO B 187 -11.44 -13.53 19.96
N SER B 188 -10.31 -13.71 20.65
CA SER B 188 -10.06 -13.07 21.94
C SER B 188 -11.09 -13.52 23.00
N ARG B 189 -11.21 -14.83 23.15
CA ARG B 189 -12.15 -15.43 24.07
C ARG B 189 -11.37 -16.18 25.14
N CYS B 190 -11.79 -16.02 26.39
CA CYS B 190 -11.14 -16.61 27.57
C CYS B 190 -12.02 -16.44 28.82
N SER B 191 -11.64 -17.09 29.91
CA SER B 191 -12.30 -16.93 31.21
C SER B 191 -11.29 -17.18 32.34
N PRO B 192 -11.63 -16.80 33.59
CA PRO B 192 -10.66 -16.97 34.66
C PRO B 192 -10.31 -18.44 34.87
N PRO B 193 -9.07 -18.75 35.27
CA PRO B 193 -8.01 -17.79 35.61
C PRO B 193 -7.08 -17.39 34.44
N PHE B 194 -7.50 -17.66 33.21
CA PHE B 194 -6.66 -17.36 32.05
C PHE B 194 -6.74 -15.88 31.68
N GLY B 195 -7.89 -15.26 31.92
CA GLY B 195 -8.07 -13.82 31.72
C GLY B 195 -9.53 -13.42 31.86
N HIS B 196 -9.83 -12.15 31.60
CA HIS B 196 -11.19 -11.58 31.73
C HIS B 196 -11.67 -10.99 30.41
N CYS B 197 -11.62 -11.77 29.33
CA CYS B 197 -11.92 -11.26 27.98
C CYS B 197 -13.30 -10.62 27.83
N ALA B 198 -13.33 -9.40 27.28
CA ALA B 198 -14.59 -8.64 27.12
C ALA B 198 -15.63 -9.33 26.24
N ARG B 199 -15.18 -10.05 25.23
CA ARG B 199 -16.09 -10.83 24.38
C ARG B 199 -16.69 -12.07 25.05
N GLY B 200 -16.19 -12.44 26.23
CA GLY B 200 -16.64 -13.62 26.94
C GLY B 200 -15.74 -14.79 26.61
N GLY B 201 -16.25 -15.98 26.87
CA GLY B 201 -15.56 -17.22 26.58
C GLY B 201 -15.65 -18.20 27.73
N ASP B 202 -15.02 -19.36 27.51
CA ASP B 202 -14.91 -20.39 28.51
C ASP B 202 -13.65 -21.19 28.17
N SER B 203 -12.56 -20.86 28.86
CA SER B 203 -11.27 -21.48 28.61
C SER B 203 -11.21 -22.97 28.96
N HIS B 204 -12.11 -23.40 29.85
CA HIS B 204 -12.29 -24.82 30.26
C HIS B 204 -12.80 -25.70 29.10
N ALA B 205 -13.59 -25.11 28.20
CA ALA B 205 -14.41 -25.88 27.25
C ALA B 205 -14.21 -25.51 25.78
N GLU B 206 -14.24 -24.22 25.48
CA GLU B 206 -14.23 -23.76 24.09
C GLU B 206 -13.02 -24.19 23.27
N PRO B 207 -11.81 -24.20 23.86
CA PRO B 207 -10.66 -24.68 23.04
C PRO B 207 -10.89 -26.08 22.46
N TYR B 208 -11.55 -26.96 23.22
CA TYR B 208 -11.74 -28.33 22.77
C TYR B 208 -12.85 -28.42 21.72
N VAL B 209 -13.85 -27.55 21.80
CA VAL B 209 -14.85 -27.46 20.72
C VAL B 209 -14.19 -26.93 19.44
N ALA B 210 -13.35 -25.91 19.57
CA ALA B 210 -12.68 -25.30 18.40
C ALA B 210 -11.73 -26.28 17.71
N ALA B 211 -10.93 -26.98 18.51
CA ALA B 211 -9.98 -27.96 17.98
C ALA B 211 -10.71 -29.09 17.27
N HIS B 212 -11.84 -29.51 17.83
CA HIS B 212 -12.68 -30.55 17.25
C HIS B 212 -13.15 -30.19 15.85
N ASN B 213 -13.60 -28.95 15.66
CA ASN B 213 -13.99 -28.47 14.33
C ASN B 213 -12.82 -28.25 13.37
N VAL B 214 -11.63 -27.88 13.88
CA VAL B 214 -10.43 -27.85 13.03
C VAL B 214 -10.11 -29.26 12.50
N ILE B 215 -10.12 -30.24 13.42
CA ILE B 215 -9.81 -31.63 13.08
C ILE B 215 -10.77 -32.12 11.99
N LEU B 216 -12.06 -31.85 12.18
CA LEU B 216 -13.05 -32.32 11.23
C LEU B 216 -13.09 -31.51 9.94
N SER B 217 -12.63 -30.26 9.97
CA SER B 217 -12.43 -29.47 8.74
C SER B 217 -11.31 -30.07 7.90
N HIS B 218 -10.21 -30.43 8.55
CA HIS B 218 -9.13 -31.17 7.89
C HIS B 218 -9.67 -32.44 7.25
N ALA B 219 -10.37 -33.26 8.05
CA ALA B 219 -10.93 -34.53 7.57
C ALA B 219 -11.88 -34.32 6.38
N THR B 220 -12.73 -33.29 6.47
CA THR B 220 -13.59 -32.88 5.35
C THR B 220 -12.77 -32.56 4.09
N ALA B 221 -11.70 -31.78 4.24
CA ALA B 221 -10.85 -31.38 3.13
C ALA B 221 -10.09 -32.55 2.48
N ILE B 222 -9.49 -33.40 3.30
CA ILE B 222 -8.73 -34.53 2.78
C ILE B 222 -9.67 -35.58 2.13
N GLU B 223 -10.86 -35.76 2.70
CA GLU B 223 -11.88 -36.62 2.04
C GLU B 223 -12.17 -36.09 0.65
N ILE B 224 -12.44 -34.79 0.53
CA ILE B 224 -12.63 -34.15 -0.78
C ILE B 224 -11.42 -34.39 -1.68
N TYR B 225 -10.22 -34.17 -1.15
CA TYR B 225 -9.01 -34.35 -1.96
C TYR B 225 -8.90 -35.77 -2.50
N LYS B 226 -9.07 -36.77 -1.62
CA LYS B 226 -8.86 -38.16 -2.01
C LYS B 226 -9.96 -38.69 -2.94
N ARG B 227 -11.21 -38.28 -2.70
CA ARG B 227 -12.32 -38.70 -3.56
C ARG B 227 -12.34 -38.01 -4.93
N LYS B 228 -11.97 -36.73 -4.98
CA LYS B 228 -12.17 -35.92 -6.20
C LYS B 228 -10.89 -35.65 -7.02
N TYR B 229 -9.77 -35.42 -6.34
CA TYR B 229 -8.58 -34.83 -6.96
C TYR B 229 -7.34 -35.69 -7.00
N GLN B 230 -7.19 -36.59 -6.03
CA GLN B 230 -5.91 -37.27 -5.80
C GLN B 230 -5.47 -38.14 -6.97
N SER B 231 -6.39 -38.86 -7.61
CA SER B 231 -5.99 -39.81 -8.66
C SER B 231 -5.37 -39.10 -9.86
N LYS B 232 -5.92 -37.94 -10.21
CA LYS B 232 -5.32 -37.11 -11.25
C LYS B 232 -4.10 -36.30 -10.77
N GLN B 233 -4.25 -35.61 -9.64
CA GLN B 233 -3.23 -34.64 -9.23
C GLN B 233 -2.02 -35.28 -8.55
N ARG B 234 -2.22 -36.38 -7.85
CA ARG B 234 -1.14 -37.18 -7.25
C ARG B 234 -0.30 -36.41 -6.20
N GLY B 235 -0.98 -35.67 -5.33
CA GLY B 235 -0.31 -34.89 -4.29
C GLY B 235 -0.50 -35.49 -2.91
N MET B 236 0.01 -34.80 -1.90
CA MET B 236 -0.08 -35.22 -0.51
C MET B 236 -0.69 -34.09 0.32
N ILE B 237 -1.54 -34.47 1.28
CA ILE B 237 -2.26 -33.54 2.15
C ILE B 237 -1.86 -33.81 3.59
N GLY B 238 -1.22 -32.82 4.23
CA GLY B 238 -0.83 -32.93 5.63
C GLY B 238 -1.44 -31.86 6.51
N MET B 239 -0.96 -31.84 7.76
CA MET B 239 -1.29 -30.80 8.72
C MET B 239 0.02 -30.40 9.41
N VAL B 240 0.17 -29.10 9.67
CA VAL B 240 1.35 -28.53 10.32
C VAL B 240 1.03 -28.30 11.79
N LEU B 241 1.88 -28.79 12.68
CA LEU B 241 1.71 -28.55 14.12
C LEU B 241 2.92 -27.87 14.74
N TYR B 242 2.65 -26.99 15.72
CA TYR B 242 3.72 -26.38 16.51
C TYR B 242 4.30 -27.43 17.43
N SER B 243 5.59 -27.73 17.26
CA SER B 243 6.19 -28.94 17.81
C SER B 243 7.42 -28.64 18.68
N THR B 244 7.18 -28.27 19.93
CA THR B 244 8.23 -28.00 20.89
C THR B 244 8.68 -29.30 21.58
N TRP B 245 10.00 -29.51 21.69
CA TRP B 245 10.51 -30.62 22.48
C TRP B 245 10.51 -30.27 23.97
N TYR B 246 10.11 -31.22 24.81
CA TYR B 246 10.13 -31.07 26.26
C TYR B 246 11.02 -32.13 26.93
N GLU B 247 11.78 -31.68 27.92
CA GLU B 247 12.64 -32.53 28.74
C GLU B 247 12.17 -32.35 30.18
N PRO B 248 12.24 -33.40 31.01
CA PRO B 248 11.76 -33.24 32.39
C PRO B 248 12.67 -32.33 33.20
N LEU B 249 12.09 -31.41 33.97
CA LEU B 249 12.89 -30.41 34.70
C LEU B 249 13.84 -31.10 35.67
N ARG B 250 13.31 -32.06 36.43
CA ARG B 250 14.11 -32.98 37.24
C ARG B 250 13.92 -34.40 36.73
N ASP B 251 14.97 -35.22 36.80
CA ASP B 251 14.91 -36.58 36.27
C ASP B 251 14.29 -37.54 37.28
N VAL B 252 12.98 -37.35 37.51
CA VAL B 252 12.19 -38.19 38.41
C VAL B 252 10.84 -38.54 37.75
N PRO B 253 10.21 -39.66 38.15
CA PRO B 253 8.96 -40.09 37.50
C PRO B 253 7.89 -39.02 37.31
N GLU B 254 7.58 -38.23 38.35
CA GLU B 254 6.50 -37.24 38.20
C GLU B 254 6.77 -36.16 37.11
N ASP B 255 8.03 -35.72 36.96
CA ASP B 255 8.36 -34.77 35.90
C ASP B 255 8.40 -35.47 34.54
N ARG B 256 8.89 -36.70 34.51
CA ARG B 256 8.85 -37.50 33.28
C ARG B 256 7.40 -37.69 32.78
N LEU B 257 6.48 -38.02 33.68
CA LEU B 257 5.07 -38.21 33.30
C LEU B 257 4.44 -36.89 32.87
N ALA B 258 4.81 -35.82 33.58
CA ALA B 258 4.38 -34.47 33.25
C ALA B 258 4.89 -34.07 31.88
N THR B 259 6.15 -34.40 31.58
CA THR B 259 6.75 -34.16 30.25
C THR B 259 5.95 -34.88 29.15
N GLU B 260 5.54 -36.12 29.42
CA GLU B 260 4.73 -36.88 28.46
C GLU B 260 3.33 -36.27 28.27
N ARG B 261 2.74 -35.76 29.34
CA ARG B 261 1.48 -35.02 29.25
C ARG B 261 1.63 -33.75 28.42
N ALA B 262 2.69 -32.96 28.68
CA ALA B 262 2.91 -31.72 27.94
C ALA B 262 3.02 -32.01 26.44
N LEU B 263 3.77 -33.05 26.10
CA LEU B 263 3.89 -33.49 24.70
C LEU B 263 2.54 -33.94 24.12
N ALA B 264 1.78 -34.73 24.87
CA ALA B 264 0.54 -35.30 24.35
C ALA B 264 -0.56 -34.27 24.14
N PHE B 265 -0.56 -33.23 24.97
CA PHE B 265 -1.51 -32.11 24.86
C PHE B 265 -1.20 -31.15 23.69
N GLU B 266 0.00 -31.24 23.11
CA GLU B 266 0.34 -30.43 21.96
C GLU B 266 -0.02 -31.13 20.66
N THR B 267 0.91 -31.80 20.01
CA THR B 267 0.67 -32.27 18.63
C THR B 267 -0.31 -33.48 18.53
N PRO B 268 -0.25 -34.44 19.48
CA PRO B 268 -1.22 -35.53 19.42
C PRO B 268 -2.69 -35.16 19.63
N TRP B 269 -2.95 -34.04 20.30
CA TRP B 269 -4.31 -33.46 20.32
C TRP B 269 -4.98 -33.51 18.94
N PHE B 270 -4.20 -33.20 17.91
CA PHE B 270 -4.64 -33.26 16.52
C PHE B 270 -4.26 -34.55 15.79
N LEU B 271 -3.03 -35.03 16.02
CA LEU B 271 -2.51 -36.16 15.26
C LEU B 271 -3.07 -37.53 15.67
N ASP B 272 -3.40 -37.72 16.95
CA ASP B 272 -4.05 -38.95 17.39
C ASP B 272 -5.43 -39.15 16.71
N PRO B 273 -6.30 -38.11 16.72
CA PRO B 273 -7.54 -38.27 15.96
C PRO B 273 -7.33 -38.55 14.47
N LEU B 274 -6.37 -37.88 13.84
CA LEU B 274 -6.13 -38.05 12.43
C LEU B 274 -5.39 -39.35 12.08
N VAL B 275 -4.73 -40.00 13.04
CA VAL B 275 -4.00 -41.25 12.75
C VAL B 275 -4.72 -42.47 13.34
N TYR B 276 -5.25 -42.34 14.56
CA TYR B 276 -5.84 -43.46 15.30
C TYR B 276 -7.33 -43.35 15.55
N GLY B 277 -7.96 -42.23 15.18
CA GLY B 277 -9.40 -42.07 15.27
C GLY B 277 -9.92 -41.64 16.63
N ASP B 278 -9.02 -41.25 17.55
CA ASP B 278 -9.40 -40.83 18.89
C ASP B 278 -8.42 -39.82 19.45
N TYR B 279 -8.89 -38.97 20.34
CA TYR B 279 -8.02 -38.07 21.06
C TYR B 279 -6.96 -38.83 21.87
N PRO B 280 -5.83 -38.17 22.20
CA PRO B 280 -4.82 -38.85 23.03
C PRO B 280 -5.40 -39.34 24.34
N PRO B 281 -5.09 -40.59 24.74
CA PRO B 281 -5.62 -41.08 26.00
C PRO B 281 -5.14 -40.25 27.20
N GLU B 282 -3.95 -39.66 27.09
CA GLU B 282 -3.38 -38.79 28.12
C GLU B 282 -4.29 -37.57 28.36
N MET B 283 -4.87 -37.03 27.28
CA MET B 283 -5.84 -35.95 27.36
C MET B 283 -7.20 -36.43 27.83
N ARG B 284 -7.69 -37.52 27.24
CA ARG B 284 -9.01 -38.09 27.61
C ARG B 284 -9.10 -38.46 29.10
N GLN B 285 -8.02 -38.98 29.66
CA GLN B 285 -7.95 -39.30 31.09
C GLN B 285 -8.28 -38.09 31.97
N ILE B 286 -7.74 -36.93 31.60
CA ILE B 286 -7.90 -35.71 32.36
C ILE B 286 -9.17 -34.97 31.98
N LEU B 287 -9.48 -34.89 30.68
CA LEU B 287 -10.56 -34.02 30.18
C LEU B 287 -11.96 -34.64 30.08
N GLY B 288 -12.05 -35.97 30.04
CA GLY B 288 -13.33 -36.67 29.85
C GLY B 288 -14.18 -36.13 28.70
N GLY B 289 -15.45 -35.87 29.00
CA GLY B 289 -16.41 -35.40 28.01
C GLY B 289 -16.22 -33.98 27.49
N ARG B 290 -15.26 -33.21 28.02
CA ARG B 290 -14.88 -31.94 27.39
C ARG B 290 -14.28 -32.11 26.01
N LEU B 291 -13.72 -33.28 25.73
CA LEU B 291 -13.35 -33.65 24.37
C LEU B 291 -14.59 -34.21 23.69
N PRO B 292 -15.09 -33.52 22.64
CA PRO B 292 -16.31 -34.05 22.03
C PRO B 292 -16.11 -35.43 21.37
N SER B 293 -17.21 -36.16 21.23
CA SER B 293 -17.19 -37.46 20.57
C SER B 293 -17.19 -37.29 19.06
N PHE B 294 -16.70 -38.31 18.37
CA PHE B 294 -16.73 -38.38 16.92
C PHE B 294 -17.89 -39.26 16.51
N SER B 295 -18.79 -38.72 15.70
CA SER B 295 -19.89 -39.46 15.07
C SER B 295 -19.40 -40.46 14.01
N PRO B 296 -20.28 -41.38 13.56
CA PRO B 296 -19.93 -42.27 12.44
C PRO B 296 -19.49 -41.54 11.16
N GLU B 297 -20.16 -40.45 10.83
CA GLU B 297 -19.77 -39.61 9.69
C GLU B 297 -18.38 -39.00 9.88
N ASP B 298 -18.12 -38.47 11.08
CA ASP B 298 -16.78 -37.99 11.46
C ASP B 298 -15.72 -39.08 11.27
N ARG B 299 -16.02 -40.28 11.76
CA ARG B 299 -15.06 -41.39 11.77
C ARG B 299 -14.72 -41.87 10.36
N ARG B 300 -15.71 -41.92 9.49
CA ARG B 300 -15.51 -42.19 8.07
C ARG B 300 -14.48 -41.22 7.49
N LYS B 301 -14.67 -39.93 7.74
CA LYS B 301 -13.73 -38.91 7.26
C LYS B 301 -12.34 -39.03 7.89
N LEU B 302 -12.29 -39.32 9.19
CA LEU B 302 -11.01 -39.55 9.88
C LEU B 302 -10.19 -40.71 9.32
N ARG B 303 -10.86 -41.71 8.72
CA ARG B 303 -10.13 -42.82 8.07
C ARG B 303 -9.28 -42.41 6.86
N TYR B 304 -9.51 -41.23 6.29
CA TYR B 304 -8.58 -40.66 5.30
C TYR B 304 -7.29 -40.11 5.95
N LYS B 305 -7.32 -39.87 7.27
CA LYS B 305 -6.12 -39.53 8.05
C LYS B 305 -5.35 -38.30 7.52
N LEU B 306 -4.02 -38.42 7.33
CA LEU B 306 -3.21 -37.39 6.70
C LEU B 306 -1.98 -38.07 6.09
N ASP B 307 -1.37 -37.44 5.09
CA ASP B 307 -0.26 -38.04 4.36
C ASP B 307 1.10 -37.67 4.95
N PHE B 308 1.17 -36.57 5.70
CA PHE B 308 2.39 -36.22 6.39
C PHE B 308 2.13 -35.29 7.55
N ILE B 309 3.11 -35.26 8.45
CA ILE B 309 3.15 -34.34 9.58
C ILE B 309 4.08 -33.19 9.21
N GLY B 310 3.53 -31.98 9.25
CA GLY B 310 4.32 -30.77 9.13
C GLY B 310 4.85 -30.37 10.49
N VAL B 311 6.16 -30.50 10.68
CA VAL B 311 6.83 -30.19 11.95
C VAL B 311 7.35 -28.75 11.97
N ASN B 312 6.66 -27.87 12.71
CA ASN B 312 7.18 -26.55 13.00
C ASN B 312 7.91 -26.63 14.33
N HIS B 313 9.22 -26.81 14.27
CA HIS B 313 10.06 -26.94 15.46
C HIS B 313 11.07 -25.82 15.56
N TYR B 314 11.03 -25.14 16.70
CA TYR B 314 11.97 -24.07 17.00
C TYR B 314 12.79 -24.30 18.26
N THR B 315 12.16 -24.79 19.32
CA THR B 315 12.73 -24.70 20.66
C THR B 315 12.48 -25.94 21.49
N THR B 316 13.21 -26.00 22.60
CA THR B 316 13.09 -27.04 23.60
C THR B 316 12.95 -26.37 24.97
N LEU B 317 12.11 -26.95 25.81
CA LEU B 317 11.83 -26.44 27.16
C LEU B 317 11.80 -27.56 28.21
N TYR B 318 11.99 -27.19 29.48
CA TYR B 318 11.78 -28.12 30.58
C TYR B 318 10.31 -28.17 30.94
N ALA B 319 9.81 -29.35 31.28
CA ALA B 319 8.46 -29.52 31.81
C ALA B 319 8.56 -30.11 33.22
N ARG B 320 7.73 -29.59 34.12
CA ARG B 320 7.60 -30.12 35.47
C ARG B 320 6.16 -30.41 35.82
N ASP B 321 5.99 -31.24 36.84
CA ASP B 321 4.68 -31.67 37.29
C ASP B 321 3.91 -30.58 38.05
N CYS B 322 2.63 -30.47 37.73
CA CYS B 322 1.67 -29.68 38.53
C CYS B 322 0.54 -30.52 39.12
N MET B 323 0.52 -31.82 38.84
CA MET B 323 -0.49 -32.70 39.41
C MET B 323 -0.34 -32.87 40.93
N PHE B 324 0.90 -32.89 41.42
CA PHE B 324 1.20 -33.09 42.84
C PHE B 324 2.02 -31.94 43.47
N SER B 325 2.20 -30.85 42.73
CA SER B 325 2.95 -29.68 43.16
C SER B 325 2.19 -28.44 42.72
N ASP B 326 2.43 -27.33 43.42
CA ASP B 326 1.82 -26.06 43.06
C ASP B 326 2.50 -25.47 41.83
N CYS B 327 1.67 -24.87 40.98
CA CYS B 327 2.13 -24.17 39.78
C CYS B 327 1.22 -22.97 39.59
N PRO B 328 1.76 -21.86 39.04
CA PRO B 328 0.90 -20.74 38.69
C PRO B 328 -0.22 -21.17 37.75
N GLN B 329 -1.42 -20.69 38.01
CA GLN B 329 -2.57 -20.97 37.17
C GLN B 329 -2.67 -20.00 35.99
N GLY B 330 -3.48 -20.37 35.01
CA GLY B 330 -3.77 -19.52 33.87
C GLY B 330 -2.77 -19.55 32.73
N GLN B 331 -1.84 -20.49 32.75
CA GLN B 331 -0.97 -20.73 31.59
C GLN B 331 -1.65 -21.73 30.67
N GLU B 332 -1.23 -21.75 29.40
CA GLU B 332 -1.85 -22.65 28.42
C GLU B 332 -1.65 -24.14 28.72
N THR B 333 -0.57 -24.45 29.45
CA THR B 333 -0.32 -25.79 29.97
C THR B 333 -1.16 -26.19 31.20
N GLN B 334 -2.03 -25.33 31.72
CA GLN B 334 -2.76 -25.64 32.96
C GLN B 334 -3.45 -26.98 32.94
N HIS B 335 -4.20 -27.25 31.89
CA HIS B 335 -5.01 -28.47 31.83
C HIS B 335 -4.16 -29.73 31.75
N ALA B 336 -3.00 -29.62 31.12
CA ALA B 336 -2.03 -30.72 31.06
C ALA B 336 -1.40 -31.06 32.42
N LEU B 337 -1.60 -30.19 33.42
CA LEU B 337 -1.02 -30.37 34.75
C LEU B 337 0.51 -30.44 34.68
N ALA B 338 1.06 -29.59 33.84
CA ALA B 338 2.48 -29.40 33.69
C ALA B 338 2.77 -27.90 33.57
N ALA B 339 3.96 -27.49 34.00
CA ALA B 339 4.43 -26.12 33.82
C ALA B 339 5.71 -26.22 33.03
N VAL B 340 5.91 -25.31 32.09
CA VAL B 340 7.10 -25.34 31.23
C VAL B 340 7.98 -24.12 31.54
N THR B 341 9.28 -24.32 31.46
CA THR B 341 10.24 -23.25 31.70
C THR B 341 11.49 -23.50 30.86
N GLY B 342 12.17 -22.39 30.53
CA GLY B 342 13.45 -22.45 29.82
C GLY B 342 14.67 -22.60 30.70
N GLU B 343 14.48 -22.55 32.02
CA GLU B 343 15.60 -22.58 32.97
C GLU B 343 15.52 -23.70 33.98
N SER B 344 16.69 -24.21 34.37
CA SER B 344 16.84 -25.10 35.52
C SER B 344 17.80 -24.45 36.51
N ASN B 345 17.28 -24.09 37.68
CA ASN B 345 18.04 -23.35 38.72
C ASN B 345 18.76 -22.12 38.16
N GLY B 346 18.03 -21.30 37.41
CA GLY B 346 18.62 -20.11 36.80
C GLY B 346 19.42 -20.31 35.51
N LEU B 347 19.72 -21.54 35.11
CA LEU B 347 20.55 -21.83 33.94
C LEU B 347 19.66 -22.14 32.72
N PRO B 348 19.76 -21.32 31.65
CA PRO B 348 18.94 -21.61 30.46
C PRO B 348 19.26 -22.96 29.82
N ILE B 349 18.23 -23.59 29.27
CA ILE B 349 18.35 -24.88 28.60
C ILE B 349 19.31 -24.83 27.40
N GLY B 350 19.38 -23.66 26.76
CA GLY B 350 20.36 -23.35 25.72
C GLY B 350 20.42 -21.83 25.62
N THR B 351 21.21 -21.29 24.70
CA THR B 351 21.35 -19.84 24.56
C THR B 351 19.97 -19.20 24.34
N PRO B 352 19.56 -18.22 25.17
CA PRO B 352 18.30 -17.51 24.87
C PRO B 352 18.37 -16.66 23.61
N THR B 353 17.20 -16.34 23.06
CA THR B 353 17.10 -15.56 21.83
C THR B 353 16.11 -14.44 22.08
N ALA B 354 15.97 -13.56 21.09
CA ALA B 354 15.02 -12.44 21.19
C ALA B 354 13.57 -12.90 21.28
N MET B 355 13.23 -14.10 20.79
CA MET B 355 11.84 -14.61 20.92
C MET B 355 11.68 -15.31 22.28
N PRO B 356 10.74 -14.86 23.12
CA PRO B 356 10.49 -15.57 24.40
C PRO B 356 10.15 -17.06 24.16
N THR B 357 10.74 -17.91 25.01
CA THR B 357 10.67 -19.38 24.95
C THR B 357 11.56 -20.05 23.88
N PHE B 358 12.15 -19.26 22.97
CA PHE B 358 13.01 -19.81 21.91
C PHE B 358 14.45 -19.83 22.42
N TYR B 359 14.95 -21.03 22.68
CA TYR B 359 16.33 -21.27 23.08
C TYR B 359 17.04 -22.10 22.01
N VAL B 360 18.36 -21.94 21.93
CA VAL B 360 19.16 -22.63 20.92
C VAL B 360 19.48 -24.04 21.45
N VAL B 361 18.69 -25.04 21.02
CA VAL B 361 18.84 -26.43 21.47
C VAL B 361 18.66 -27.38 20.27
N PRO B 362 19.72 -27.51 19.42
CA PRO B 362 19.67 -28.32 18.19
C PRO B 362 19.17 -29.74 18.38
N ASP B 363 19.52 -30.33 19.50
CA ASP B 363 19.16 -31.69 19.82
C ASP B 363 17.64 -31.90 19.87
N GLY B 364 16.88 -30.84 20.20
CA GLY B 364 15.42 -30.86 20.19
C GLY B 364 14.78 -31.32 18.90
N ILE B 365 15.38 -31.00 17.76
CA ILE B 365 14.78 -31.37 16.47
C ILE B 365 14.87 -32.87 16.26
N GLU B 366 16.00 -33.45 16.65
CA GLU B 366 16.20 -34.90 16.61
C GLU B 366 15.19 -35.61 17.51
N LYS B 367 15.07 -35.14 18.75
CA LYS B 367 14.18 -35.78 19.70
C LYS B 367 12.69 -35.62 19.36
N MET B 368 12.30 -34.46 18.85
CA MET B 368 10.92 -34.23 18.46
C MET B 368 10.56 -35.18 17.32
N VAL B 369 11.44 -35.26 16.32
CA VAL B 369 11.25 -36.17 15.19
C VAL B 369 11.12 -37.62 15.65
N LYS B 370 11.98 -38.06 16.57
CA LYS B 370 11.93 -39.41 17.11
C LYS B 370 10.61 -39.66 17.86
N TYR B 371 10.13 -38.64 18.56
CA TYR B 371 8.84 -38.75 19.25
C TYR B 371 7.72 -39.08 18.26
N PHE B 372 7.67 -38.38 17.13
CA PHE B 372 6.69 -38.66 16.06
C PHE B 372 6.86 -40.07 15.48
N MET B 373 8.11 -40.43 15.21
CA MET B 373 8.45 -41.77 14.71
C MET B 373 7.87 -42.87 15.59
N ARG B 374 8.10 -42.76 16.89
CA ARG B 374 7.57 -43.73 17.85
C ARG B 374 6.04 -43.68 17.94
N ARG B 375 5.46 -42.48 18.00
CA ARG B 375 4.00 -42.40 18.22
C ARG B 375 3.18 -42.75 16.97
N TYR B 376 3.70 -42.43 15.77
CA TYR B 376 2.96 -42.57 14.51
C TYR B 376 3.63 -43.50 13.50
N ASN B 377 4.45 -44.43 13.99
CA ASN B 377 5.12 -45.42 13.15
C ASN B 377 5.83 -44.81 11.93
N ASN B 378 6.62 -43.77 12.19
CA ASN B 378 7.44 -43.11 11.17
C ASN B 378 6.63 -42.62 9.96
N LEU B 379 5.44 -42.07 10.21
CA LEU B 379 4.64 -41.42 9.17
C LEU B 379 5.50 -40.30 8.57
N PRO B 380 5.39 -40.05 7.25
CA PRO B 380 6.25 -39.04 6.64
C PRO B 380 6.18 -37.66 7.32
N MET B 381 7.32 -36.99 7.39
CA MET B 381 7.42 -35.68 8.01
C MET B 381 8.12 -34.71 7.07
N PHE B 382 7.74 -33.45 7.19
CA PHE B 382 8.52 -32.33 6.64
C PHE B 382 8.74 -31.36 7.79
N ILE B 383 9.95 -30.81 7.87
CA ILE B 383 10.20 -29.69 8.77
C ILE B 383 9.72 -28.45 8.03
N THR B 384 8.51 -28.04 8.37
CA THR B 384 7.80 -26.98 7.64
C THR B 384 8.14 -25.58 8.14
N GLU B 385 8.62 -25.47 9.38
CA GLU B 385 9.31 -24.26 9.85
C GLU B 385 10.44 -24.60 10.80
N ASN B 386 11.54 -23.86 10.67
CA ASN B 386 12.63 -23.85 11.63
C ASN B 386 13.37 -22.53 11.44
N GLY B 387 13.78 -21.87 12.53
CA GLY B 387 14.38 -20.56 12.38
C GLY B 387 14.67 -19.82 13.66
N TYR B 388 15.11 -18.57 13.49
CA TYR B 388 15.76 -17.80 14.54
C TYR B 388 15.37 -16.33 14.40
N ALA B 389 15.00 -15.70 15.53
CA ALA B 389 14.59 -14.30 15.54
C ALA B 389 15.69 -13.40 16.08
N GLN B 390 15.90 -12.28 15.39
CA GLN B 390 16.63 -11.14 15.94
C GLN B 390 15.66 -10.11 16.52
N GLY B 391 16.11 -9.44 17.57
CA GLY B 391 15.38 -8.34 18.20
C GLY B 391 16.32 -7.14 18.25
N GLY B 392 15.79 -5.95 18.56
CA GLY B 392 16.54 -4.69 18.45
C GLY B 392 16.69 -3.88 19.73
N ASP B 393 17.33 -2.71 19.59
CA ASP B 393 17.84 -1.78 20.65
C ASP B 393 19.36 -1.78 20.54
N SER B 394 19.95 -2.97 20.66
CA SER B 394 21.31 -3.24 20.19
C SER B 394 21.45 -3.01 18.67
N TYR B 395 20.36 -3.30 17.93
CA TYR B 395 20.29 -3.16 16.48
C TYR B 395 19.61 -1.84 16.21
N THR B 396 20.37 -0.87 15.73
CA THR B 396 19.82 0.44 15.38
C THR B 396 19.78 0.68 13.87
N ASP B 397 20.48 -0.15 13.07
CA ASP B 397 20.55 0.04 11.61
C ASP B 397 20.62 -1.27 10.81
N ALA B 398 20.48 -1.15 9.49
CA ALA B 398 20.50 -2.29 8.58
C ALA B 398 21.71 -3.22 8.79
N GLU B 399 22.88 -2.63 8.99
CA GLU B 399 24.16 -3.37 9.16
C GLU B 399 24.16 -4.32 10.37
N ASP B 400 23.53 -3.90 11.46
CA ASP B 400 23.38 -4.73 12.65
C ASP B 400 22.52 -5.96 12.36
N TRP B 401 21.40 -5.75 11.66
CA TRP B 401 20.51 -6.86 11.29
C TRP B 401 21.17 -7.85 10.32
N ILE B 402 21.97 -7.31 9.39
CA ILE B 402 22.61 -8.12 8.33
C ILE B 402 23.71 -9.05 8.88
N ASP B 403 24.41 -8.61 9.92
CA ASP B 403 25.45 -9.43 10.58
C ASP B 403 24.78 -10.43 11.53
N ASP B 404 24.31 -11.55 10.96
CA ASP B 404 23.52 -12.53 11.72
C ASP B 404 24.20 -13.89 11.85
N GLU B 405 25.45 -13.86 12.32
CA GLU B 405 26.17 -15.07 12.65
C GLU B 405 25.42 -15.96 13.64
N ASP B 406 24.70 -15.33 14.56
CA ASP B 406 23.84 -16.08 15.48
C ASP B 406 22.79 -16.94 14.76
N ARG B 407 22.16 -16.40 13.72
CA ARG B 407 21.22 -17.18 12.92
C ARG B 407 21.93 -18.34 12.22
N ILE B 408 23.09 -18.08 11.63
CA ILE B 408 23.87 -19.12 10.95
C ILE B 408 24.17 -20.28 11.91
N GLU B 409 24.64 -19.94 13.10
CA GLU B 409 24.97 -20.97 14.11
C GLU B 409 23.75 -21.81 14.49
N TYR B 410 22.58 -21.18 14.55
CA TYR B 410 21.32 -21.88 14.81
C TYR B 410 21.02 -22.86 13.66
N LEU B 411 20.98 -22.36 12.45
CA LEU B 411 20.62 -23.17 11.27
C LEU B 411 21.54 -24.35 11.12
N GLU B 412 22.83 -24.10 11.28
CA GLU B 412 23.84 -25.14 11.19
C GLU B 412 23.68 -26.23 12.24
N GLY B 413 23.48 -25.83 13.50
CA GLY B 413 23.25 -26.79 14.57
C GLY B 413 22.01 -27.65 14.33
N TYR B 414 20.90 -27.03 13.95
CA TYR B 414 19.64 -27.78 13.81
C TYR B 414 19.69 -28.67 12.55
N LEU B 415 20.25 -28.16 11.46
CA LEU B 415 20.39 -28.95 10.23
C LEU B 415 21.32 -30.14 10.44
N THR B 416 22.37 -29.95 11.23
CA THR B 416 23.27 -31.05 11.60
C THR B 416 22.52 -32.18 12.31
N LYS B 417 21.74 -31.83 13.33
CA LYS B 417 20.91 -32.83 14.02
C LYS B 417 19.81 -33.44 13.15
N LEU B 418 19.25 -32.65 12.23
CA LEU B 418 18.24 -33.18 11.30
C LEU B 418 18.86 -34.23 10.36
N ALA B 419 20.05 -33.95 9.82
CA ALA B 419 20.74 -34.94 8.98
C ALA B 419 20.95 -36.24 9.74
N LYS B 420 21.32 -36.13 11.02
CA LYS B 420 21.55 -37.29 11.87
C LYS B 420 20.29 -38.14 12.10
N VAL B 421 19.17 -37.50 12.42
CA VAL B 421 17.95 -38.26 12.69
C VAL B 421 17.42 -38.94 11.41
N ILE B 422 17.62 -38.31 10.26
CA ILE B 422 17.35 -38.94 8.97
C ILE B 422 18.27 -40.16 8.72
N ARG B 423 19.57 -40.03 8.99
CA ARG B 423 20.50 -41.18 8.90
C ARG B 423 20.06 -42.33 9.79
N ASP B 424 19.54 -41.98 10.97
CA ASP B 424 19.00 -42.94 11.92
C ASP B 424 17.64 -43.53 11.53
N GLY B 425 17.04 -43.11 10.41
CA GLY B 425 15.83 -43.75 9.86
C GLY B 425 14.56 -42.92 9.85
N ALA B 426 14.62 -41.67 10.30
CA ALA B 426 13.46 -40.75 10.27
C ALA B 426 13.03 -40.47 8.83
N ASP B 427 11.75 -40.68 8.54
CA ASP B 427 11.20 -40.36 7.24
C ASP B 427 10.86 -38.86 7.19
N VAL B 428 11.92 -38.04 7.14
CA VAL B 428 11.80 -36.59 6.95
C VAL B 428 12.14 -36.32 5.48
N ARG B 429 11.27 -35.58 4.80
CA ARG B 429 11.39 -35.39 3.34
C ARG B 429 11.68 -33.96 2.90
N GLY B 430 11.83 -33.05 3.84
CA GLY B 430 12.16 -31.67 3.50
C GLY B 430 12.34 -30.76 4.69
N TYR B 431 12.80 -29.56 4.39
CA TYR B 431 13.11 -28.55 5.40
C TYR B 431 12.84 -27.18 4.79
N PHE B 432 12.13 -26.35 5.55
CA PHE B 432 11.81 -24.98 5.16
C PHE B 432 12.23 -24.02 6.28
N ALA B 433 13.13 -23.09 5.96
CA ALA B 433 13.58 -22.08 6.92
C ALA B 433 12.54 -20.98 7.05
N TRP B 434 12.10 -20.68 8.28
CA TRP B 434 11.29 -19.49 8.54
C TRP B 434 12.26 -18.37 8.87
N SER B 435 12.37 -17.32 8.04
CA SER B 435 11.62 -17.09 6.80
C SER B 435 12.55 -16.50 5.75
N VAL B 436 12.09 -16.42 4.52
CA VAL B 436 12.87 -15.76 3.44
C VAL B 436 13.08 -14.28 3.73
N VAL B 437 12.08 -13.62 4.31
CA VAL B 437 12.13 -12.19 4.63
C VAL B 437 11.63 -11.91 6.05
N ASP B 438 12.13 -10.83 6.65
CA ASP B 438 11.53 -10.28 7.85
C ASP B 438 10.07 -9.97 7.55
N ASN B 439 9.21 -10.15 8.54
CA ASN B 439 7.78 -10.00 8.30
C ASN B 439 7.02 -9.70 9.60
N PHE B 440 5.69 -9.65 9.50
CA PHE B 440 4.83 -9.32 10.64
C PHE B 440 4.72 -10.52 11.58
N GLU B 441 5.38 -10.43 12.74
CA GLU B 441 5.40 -11.51 13.72
C GLU B 441 4.26 -11.40 14.75
N TRP B 442 3.03 -11.39 14.21
CA TRP B 442 1.80 -11.44 14.99
C TRP B 442 1.83 -10.41 16.14
N LEU B 443 1.74 -10.84 17.40
CA LEU B 443 1.64 -9.90 18.52
C LEU B 443 2.91 -9.08 18.76
N PHE B 444 4.04 -9.55 18.22
CA PHE B 444 5.30 -8.82 18.30
C PHE B 444 5.43 -7.78 17.20
N GLY B 445 4.50 -7.76 16.24
CA GLY B 445 4.57 -6.85 15.11
C GLY B 445 5.88 -7.08 14.36
N TYR B 446 6.53 -5.98 14.00
CA TYR B 446 7.78 -6.03 13.25
C TYR B 446 9.01 -6.03 14.16
N THR B 447 8.81 -6.16 15.48
CA THR B 447 9.92 -6.08 16.43
C THR B 447 10.77 -7.36 16.43
N LEU B 448 10.27 -8.46 15.87
CA LEU B 448 11.09 -9.67 15.70
C LEU B 448 11.30 -9.94 14.22
N ARG B 449 12.55 -10.16 13.86
CA ARG B 449 12.97 -10.31 12.47
C ARG B 449 13.57 -11.69 12.29
N PHE B 450 12.87 -12.52 11.51
CA PHE B 450 13.23 -13.92 11.29
C PHE B 450 13.88 -14.15 9.89
N GLY B 451 14.00 -13.10 9.09
CA GLY B 451 14.33 -13.25 7.70
C GLY B 451 15.75 -13.66 7.42
N LEU B 452 15.94 -14.38 6.33
CA LEU B 452 17.23 -14.50 5.68
C LEU B 452 17.56 -13.17 4.98
N TYR B 453 16.53 -12.49 4.45
CA TYR B 453 16.67 -11.15 3.91
C TYR B 453 16.09 -10.10 4.89
N TYR B 454 16.88 -9.05 5.13
CA TYR B 454 16.45 -7.87 5.87
C TYR B 454 15.51 -7.02 4.99
N ILE B 455 14.47 -6.46 5.59
CA ILE B 455 13.54 -5.58 4.89
C ILE B 455 13.54 -4.21 5.54
N ASP B 456 13.79 -3.18 4.74
CA ASP B 456 13.57 -1.81 5.16
C ASP B 456 12.11 -1.53 4.85
N TYR B 457 11.27 -1.47 5.87
CA TYR B 457 9.81 -1.31 5.65
C TYR B 457 9.44 0.07 5.08
N ARG B 458 10.32 1.06 5.18
CA ARG B 458 10.09 2.35 4.53
C ARG B 458 10.20 2.26 3.00
N THR B 459 11.28 1.66 2.51
CA THR B 459 11.55 1.58 1.08
C THR B 459 11.14 0.24 0.46
N GLN B 460 10.89 -0.77 1.30
CA GLN B 460 10.66 -2.17 0.90
C GLN B 460 11.88 -2.87 0.27
N GLU B 461 13.07 -2.28 0.42
CA GLU B 461 14.29 -2.89 -0.09
C GLU B 461 14.60 -4.19 0.67
N ARG B 462 14.91 -5.24 -0.09
CA ARG B 462 15.41 -6.52 0.45
C ARG B 462 16.93 -6.48 0.41
N SER B 463 17.60 -6.80 1.51
CA SER B 463 19.05 -6.94 1.55
C SER B 463 19.41 -8.28 2.17
N PRO B 464 20.29 -9.05 1.52
CA PRO B 464 20.64 -10.36 2.08
C PRO B 464 21.43 -10.26 3.37
N LYS B 465 21.03 -11.03 4.39
CA LYS B 465 21.81 -11.11 5.62
C LYS B 465 22.89 -12.15 5.36
N LEU B 466 23.85 -12.24 6.26
CA LEU B 466 24.89 -13.27 6.15
C LEU B 466 24.28 -14.67 6.04
N SER B 467 23.18 -14.92 6.77
CA SER B 467 22.52 -16.22 6.70
C SER B 467 22.03 -16.58 5.30
N ALA B 468 21.58 -15.59 4.52
CA ALA B 468 21.17 -15.82 3.13
C ALA B 468 22.31 -16.40 2.29
N LEU B 469 23.49 -15.77 2.41
CA LEU B 469 24.72 -16.23 1.76
C LEU B 469 25.12 -17.62 2.26
N TRP B 470 24.97 -17.86 3.56
CA TRP B 470 25.26 -19.17 4.15
C TRP B 470 24.34 -20.25 3.58
N TYR B 471 23.04 -19.97 3.53
CA TYR B 471 22.05 -20.94 3.05
C TYR B 471 22.26 -21.22 1.57
N LYS B 472 22.55 -20.18 0.78
CA LYS B 472 22.94 -20.34 -0.61
C LYS B 472 24.10 -21.33 -0.78
N GLU B 473 25.17 -21.11 -0.03
CA GLU B 473 26.35 -21.98 -0.09
C GLU B 473 26.03 -23.42 0.38
N PHE B 474 25.25 -23.53 1.45
CA PHE B 474 24.73 -24.82 1.89
C PHE B 474 23.98 -25.57 0.79
N LEU B 475 23.11 -24.86 0.07
CA LEU B 475 22.26 -25.48 -0.97
C LEU B 475 22.95 -25.67 -2.32
N GLN B 476 23.93 -24.84 -2.67
CA GLN B 476 24.60 -24.95 -3.97
C GLN B 476 25.68 -26.02 -3.96
N ASN B 477 26.23 -26.32 -2.79
CA ASN B 477 26.91 -27.59 -2.50
C ASN B 477 28.12 -27.86 -3.40
#